data_2GOK
#
_entry.id   2GOK
#
_cell.length_a   140.754
_cell.length_b   63.630
_cell.length_c   103.716
_cell.angle_alpha   90.00
_cell.angle_beta   111.93
_cell.angle_gamma   90.00
#
_symmetry.space_group_name_H-M   'C 1 2 1'
#
loop_
_entity.id
_entity.type
_entity.pdbx_description
1 polymer Imidazolonepropionase
2 non-polymer 'FE (III) ION'
3 non-polymer 'MAGNESIUM ION'
4 non-polymer 'CHLORIDE ION'
5 non-polymer GLYCEROL
6 water water
#
_entity_poly.entity_id   1
_entity_poly.type   'polypeptide(L)'
_entity_poly.pdbx_seq_one_letter_code
;MSLPGNNSAKGTATGNATALWRNAQLATLNPAMDGIGAVENAVIAVRNGRIAFAGPESDLPDDLSTADETTDCGGRWITP
ALIDCHTHLVFGGNRAMEFEMRLNGATYEEIAKAGGGIVSSVRDTRALSDEVLVAQALPRLDTLLSEGVSTIEIKSGYGL
DIETELKMLRVARRLETLRPVRIVTSYLAAHATPADYKGRNADYITDVVLPGLEKAHAEGLADAVDGFCEGIAFSVKEID
RVFAAAQQRGLPVKLHAEQLSNLGGAELAASYNALSADHLEYLDETGAKALAKAGTVAVLLPGAFYALREKQLPPVQALR
DAGAEIALATDCNPGTSPLTSLLLTMNMGATLFRMTVEECLTATTRNAAKALGLLAETGTLEAGKSADFAIWDIERPAEL
VYRIGFNPLHARIFKGQKVSPEGHHHHHH
;
_entity_poly.pdbx_strand_id   A,B
#
# COMPACT_ATOMS: atom_id res chain seq x y z
N ALA A 17 -8.47 -9.04 36.73
CA ALA A 17 -7.27 -9.79 36.29
C ALA A 17 -6.08 -8.85 36.09
N THR A 18 -4.88 -9.42 36.08
CA THR A 18 -3.66 -8.64 35.90
C THR A 18 -2.74 -9.35 34.91
N ALA A 19 -1.82 -8.59 34.32
CA ALA A 19 -0.87 -9.16 33.35
C ALA A 19 0.32 -8.23 33.18
N LEU A 20 1.46 -8.82 32.81
CA LEU A 20 2.68 -8.05 32.61
C LEU A 20 3.29 -8.32 31.24
N TRP A 21 3.84 -7.27 30.66
CA TRP A 21 4.50 -7.34 29.36
C TRP A 21 5.88 -6.73 29.60
N ARG A 22 6.89 -7.58 29.75
CA ARG A 22 8.24 -7.09 29.99
C ARG A 22 9.22 -7.32 28.86
N ASN A 23 10.45 -6.86 29.06
CA ASN A 23 11.51 -6.99 28.06
C ASN A 23 11.01 -6.38 26.77
N ALA A 24 10.60 -5.11 26.83
CA ALA A 24 10.09 -4.43 25.65
C ALA A 24 10.55 -2.99 25.56
N GLN A 25 10.47 -2.44 24.36
CA GLN A 25 10.82 -1.06 24.11
C GLN A 25 9.50 -0.34 23.89
N LEU A 26 9.32 0.80 24.54
CA LEU A 26 8.06 1.52 24.42
C LEU A 26 8.15 2.87 23.73
N ALA A 27 7.15 3.13 22.93
CA ALA A 27 6.92 4.39 22.31
C ALA A 27 5.60 4.79 22.98
N THR A 28 5.72 5.37 24.18
CA THR A 28 4.54 5.72 24.97
C THR A 28 3.72 6.87 24.39
N LEU A 29 4.37 7.72 23.62
CA LEU A 29 3.70 8.88 23.03
C LEU A 29 3.13 9.80 24.11
N ASN A 30 3.74 9.74 25.29
CA ASN A 30 3.32 10.58 26.40
C ASN A 30 3.67 12.01 26.01
N PRO A 31 2.66 12.89 26.00
CA PRO A 31 2.85 14.31 25.63
C PRO A 31 3.81 15.08 26.53
N ALA A 32 4.14 14.51 27.69
CA ALA A 32 5.06 15.17 28.61
C ALA A 32 6.51 14.85 28.28
N MET A 33 6.72 13.86 27.42
CA MET A 33 8.07 13.47 27.00
C MET A 33 8.42 14.04 25.62
N ASP A 34 9.71 14.14 25.32
CA ASP A 34 10.13 14.65 24.02
C ASP A 34 9.95 13.55 22.98
N GLY A 35 9.90 13.95 21.71
CA GLY A 35 9.73 12.99 20.63
C GLY A 35 8.51 12.13 20.81
N ILE A 36 8.67 10.82 20.64
CA ILE A 36 7.57 9.89 20.79
C ILE A 36 7.56 9.23 22.16
N GLY A 37 8.30 9.79 23.11
CA GLY A 37 8.35 9.24 24.45
C GLY A 37 8.85 7.81 24.50
N ALA A 38 10.04 7.58 23.95
CA ALA A 38 10.64 6.24 23.94
C ALA A 38 11.21 5.82 25.28
N VAL A 39 10.95 4.58 25.68
CA VAL A 39 11.47 4.04 26.93
C VAL A 39 12.13 2.69 26.65
N GLU A 40 13.42 2.58 26.95
CA GLU A 40 14.18 1.35 26.75
C GLU A 40 14.01 0.43 27.95
N ASN A 41 14.14 -0.88 27.74
CA ASN A 41 14.00 -1.83 28.84
C ASN A 41 12.81 -1.43 29.68
N ALA A 42 11.62 -1.58 29.12
CA ALA A 42 10.41 -1.20 29.83
C ALA A 42 9.45 -2.35 30.02
N VAL A 43 8.37 -2.07 30.74
CA VAL A 43 7.34 -3.05 31.02
C VAL A 43 5.98 -2.36 31.06
N ILE A 44 4.93 -3.15 30.86
CA ILE A 44 3.57 -2.63 30.91
C ILE A 44 2.76 -3.53 31.81
N ALA A 45 2.21 -2.95 32.87
CA ALA A 45 1.39 -3.70 33.81
C ALA A 45 -0.06 -3.35 33.50
N VAL A 46 -0.90 -4.37 33.34
CA VAL A 46 -2.30 -4.16 33.03
C VAL A 46 -3.20 -4.74 34.12
N ARG A 47 -4.27 -4.01 34.44
CA ARG A 47 -5.22 -4.46 35.45
C ARG A 47 -6.62 -4.10 34.97
N ASN A 48 -7.46 -5.12 34.81
CA ASN A 48 -8.83 -4.95 34.37
C ASN A 48 -8.92 -4.19 33.03
N GLY A 49 -8.04 -4.54 32.10
CA GLY A 49 -8.04 -3.92 30.79
C GLY A 49 -7.52 -2.50 30.77
N ARG A 50 -6.87 -2.10 31.85
CA ARG A 50 -6.31 -0.75 31.99
C ARG A 50 -4.82 -0.79 32.22
N ILE A 51 -4.13 0.26 31.80
CA ILE A 51 -2.68 0.33 32.00
C ILE A 51 -2.41 0.80 33.44
N ALA A 52 -1.81 -0.08 34.24
CA ALA A 52 -1.49 0.25 35.62
C ALA A 52 -0.14 0.97 35.66
N PHE A 53 0.75 0.58 34.77
CA PHE A 53 2.08 1.18 34.68
C PHE A 53 2.70 0.93 33.31
N ALA A 54 3.49 1.90 32.85
CA ALA A 54 4.16 1.81 31.57
C ALA A 54 5.44 2.63 31.68
N GLY A 55 6.58 1.95 31.74
CA GLY A 55 7.85 2.65 31.83
C GLY A 55 9.00 1.72 32.13
N PRO A 56 10.14 2.25 32.60
CA PRO A 56 11.32 1.45 32.92
C PRO A 56 11.00 0.28 33.85
N GLU A 57 11.56 -0.88 33.54
CA GLU A 57 11.33 -2.07 34.35
C GLU A 57 11.86 -1.85 35.77
N SER A 58 12.78 -0.89 35.89
CA SER A 58 13.39 -0.56 37.18
C SER A 58 12.47 0.29 38.05
N ASP A 59 11.59 1.07 37.41
CA ASP A 59 10.67 1.93 38.14
C ASP A 59 9.36 1.21 38.44
N LEU A 60 9.28 -0.06 38.08
CA LEU A 60 8.09 -0.87 38.32
C LEU A 60 7.77 -0.99 39.81
N PRO A 61 6.55 -0.60 40.20
CA PRO A 61 6.12 -0.68 41.61
C PRO A 61 6.09 -2.13 42.08
N ASP A 62 6.53 -2.37 43.30
CA ASP A 62 6.53 -3.71 43.85
C ASP A 62 5.12 -4.26 43.87
N ASP A 63 4.15 -3.36 43.95
CA ASP A 63 2.74 -3.74 43.97
C ASP A 63 2.36 -4.35 42.63
N LEU A 64 3.01 -3.87 41.58
CA LEU A 64 2.74 -4.34 40.23
C LEU A 64 3.84 -5.26 39.71
N SER A 65 4.71 -5.72 40.60
CA SER A 65 5.81 -6.61 40.23
C SER A 65 5.29 -8.01 39.95
N THR A 66 4.14 -8.32 40.52
CA THR A 66 3.52 -9.63 40.36
C THR A 66 2.23 -9.55 39.55
N ALA A 67 1.96 -10.56 38.74
CA ALA A 67 0.75 -10.57 37.92
C ALA A 67 0.28 -12.00 37.64
N ASP A 68 -0.96 -12.14 37.20
CA ASP A 68 -1.53 -13.45 36.89
C ASP A 68 -0.82 -14.06 35.70
N GLU A 69 -0.43 -13.21 34.74
CA GLU A 69 0.27 -13.66 33.55
C GLU A 69 1.38 -12.70 33.20
N THR A 70 2.45 -13.23 32.61
CA THR A 70 3.58 -12.41 32.21
C THR A 70 3.98 -12.76 30.78
N THR A 71 4.39 -11.76 30.01
CA THR A 71 4.79 -11.97 28.64
C THR A 71 6.13 -11.30 28.35
N ASP A 72 7.06 -12.07 27.79
CA ASP A 72 8.37 -11.53 27.44
C ASP A 72 8.25 -11.09 25.99
N CYS A 73 8.45 -9.80 25.74
CA CYS A 73 8.33 -9.25 24.40
C CYS A 73 9.58 -9.32 23.53
N GLY A 74 10.62 -9.99 24.02
CA GLY A 74 11.85 -10.13 23.26
C GLY A 74 12.49 -8.85 22.80
N GLY A 75 12.32 -7.77 23.57
CA GLY A 75 12.91 -6.50 23.20
C GLY A 75 12.20 -5.81 22.05
N ARG A 76 11.05 -6.35 21.66
CA ARG A 76 10.29 -5.75 20.56
C ARG A 76 9.67 -4.40 20.94
N TRP A 77 9.41 -3.58 19.93
CA TRP A 77 8.82 -2.27 20.12
C TRP A 77 7.31 -2.34 20.34
N ILE A 78 6.83 -1.52 21.25
CA ILE A 78 5.41 -1.47 21.55
C ILE A 78 4.94 -0.03 21.43
N THR A 79 3.84 0.17 20.73
CA THR A 79 3.30 1.51 20.57
C THR A 79 1.84 1.44 20.97
N PRO A 80 1.18 2.59 21.13
CA PRO A 80 -0.23 2.54 21.49
C PRO A 80 -0.85 1.90 20.24
N ALA A 81 -2.03 1.30 20.36
CA ALA A 81 -2.67 0.71 19.19
C ALA A 81 -2.98 1.87 18.23
N LEU A 82 -2.95 1.60 16.93
CA LEU A 82 -3.21 2.68 15.98
C LEU A 82 -4.69 3.06 15.97
N ILE A 83 -4.97 4.29 15.55
CA ILE A 83 -6.33 4.81 15.51
C ILE A 83 -6.60 5.42 14.14
N ASP A 84 -7.70 5.02 13.51
CA ASP A 84 -8.10 5.57 12.20
C ASP A 84 -9.30 6.48 12.51
N CYS A 85 -9.01 7.77 12.68
CA CYS A 85 -10.02 8.73 13.06
C CYS A 85 -10.92 9.29 11.97
N HIS A 86 -10.78 8.79 10.74
CA HIS A 86 -11.63 9.28 9.65
C HIS A 86 -11.82 8.25 8.56
N THR A 87 -12.94 7.55 8.59
CA THR A 87 -13.27 6.55 7.56
C THR A 87 -14.75 6.52 7.25
N HIS A 88 -15.05 5.96 6.09
CA HIS A 88 -16.43 5.78 5.63
C HIS A 88 -16.48 4.27 5.37
N LEU A 89 -15.99 3.51 6.34
CA LEU A 89 -15.89 2.05 6.26
C LEU A 89 -17.18 1.33 5.82
N VAL A 90 -18.32 1.91 6.15
CA VAL A 90 -19.60 1.30 5.81
C VAL A 90 -20.19 1.83 4.52
N PHE A 91 -20.47 0.92 3.59
CA PHE A 91 -21.08 1.26 2.31
C PHE A 91 -21.34 0.01 1.49
N GLY A 92 -22.25 0.11 0.54
CA GLY A 92 -22.55 -1.00 -0.33
C GLY A 92 -21.77 -0.89 -1.61
N GLY A 93 -21.44 -2.03 -2.22
CA GLY A 93 -20.71 -2.07 -3.47
C GLY A 93 -19.33 -1.43 -3.48
N ASN A 94 -18.86 -1.08 -4.66
CA ASN A 94 -17.57 -0.41 -4.83
C ASN A 94 -17.64 0.39 -6.10
N ARG A 95 -16.60 1.17 -6.37
CA ARG A 95 -16.59 2.03 -7.56
C ARG A 95 -15.49 1.67 -8.55
N ALA A 96 -15.17 0.38 -8.64
CA ALA A 96 -14.14 -0.09 -9.55
C ALA A 96 -14.55 0.11 -11.02
N MET A 97 -15.85 0.11 -11.29
CA MET A 97 -16.33 0.29 -12.66
C MET A 97 -15.88 1.63 -13.23
N GLU A 98 -16.22 2.72 -12.55
CA GLU A 98 -15.85 4.04 -13.03
C GLU A 98 -14.34 4.28 -13.00
N PHE A 99 -13.64 3.59 -12.11
CA PHE A 99 -12.19 3.68 -12.04
C PHE A 99 -11.68 3.22 -13.40
N GLU A 100 -12.16 2.04 -13.83
CA GLU A 100 -11.78 1.47 -15.11
C GLU A 100 -12.18 2.37 -16.28
N MET A 101 -13.39 2.90 -16.23
CA MET A 101 -13.88 3.78 -17.29
C MET A 101 -13.01 5.02 -17.45
N ARG A 102 -12.72 5.70 -16.35
CA ARG A 102 -11.89 6.91 -16.40
C ARG A 102 -10.54 6.65 -17.06
N LEU A 103 -9.91 5.54 -16.70
CA LEU A 103 -8.61 5.20 -17.26
C LEU A 103 -8.70 4.91 -18.76
N ASN A 104 -9.88 4.51 -19.22
CA ASN A 104 -10.09 4.22 -20.64
C ASN A 104 -10.49 5.49 -21.40
N GLY A 105 -10.47 6.62 -20.73
CA GLY A 105 -10.80 7.88 -21.36
C GLY A 105 -12.27 8.27 -21.37
N ALA A 106 -13.08 7.61 -20.55
CA ALA A 106 -14.50 7.91 -20.47
C ALA A 106 -14.74 9.29 -19.85
N THR A 107 -15.72 10.00 -20.38
CA THR A 107 -16.06 11.33 -19.86
C THR A 107 -16.98 11.15 -18.65
N TYR A 108 -17.11 12.19 -17.83
CA TYR A 108 -17.96 12.12 -16.65
C TYR A 108 -19.38 11.81 -17.09
N GLU A 109 -19.77 12.39 -18.23
CA GLU A 109 -21.10 12.19 -18.77
C GLU A 109 -21.31 10.71 -19.08
N GLU A 110 -20.29 10.08 -19.63
CA GLU A 110 -20.36 8.65 -19.98
C GLU A 110 -20.39 7.78 -18.73
N ILE A 111 -19.67 8.20 -17.70
CA ILE A 111 -19.62 7.44 -16.46
C ILE A 111 -20.96 7.58 -15.73
N ALA A 112 -21.53 8.78 -15.78
CA ALA A 112 -22.82 9.02 -15.14
C ALA A 112 -23.87 8.10 -15.76
N LYS A 113 -23.86 8.01 -17.10
CA LYS A 113 -24.81 7.17 -17.80
C LYS A 113 -24.63 5.69 -17.48
N ALA A 114 -23.40 5.29 -17.13
CA ALA A 114 -23.12 3.91 -16.80
C ALA A 114 -23.50 3.64 -15.33
N GLY A 115 -24.05 4.65 -14.67
CA GLY A 115 -24.46 4.51 -13.29
C GLY A 115 -23.37 4.84 -12.27
N GLY A 116 -22.33 5.52 -12.72
CA GLY A 116 -21.22 5.88 -11.83
C GLY A 116 -21.43 7.18 -11.07
N GLY A 117 -20.50 7.49 -10.17
CA GLY A 117 -20.62 8.68 -9.38
C GLY A 117 -21.04 8.28 -7.99
N ILE A 118 -21.17 9.25 -7.08
CA ILE A 118 -21.55 8.94 -5.72
C ILE A 118 -22.92 8.26 -5.64
N VAL A 119 -23.77 8.51 -6.64
CA VAL A 119 -25.09 7.90 -6.66
C VAL A 119 -24.99 6.37 -6.62
N SER A 120 -23.88 5.84 -7.15
CA SER A 120 -23.67 4.39 -7.17
C SER A 120 -23.56 3.85 -5.74
N SER A 121 -22.83 4.57 -4.90
CA SER A 121 -22.65 4.16 -3.51
C SER A 121 -23.93 4.36 -2.72
N VAL A 122 -24.65 5.44 -2.99
CA VAL A 122 -25.90 5.70 -2.29
C VAL A 122 -26.93 4.63 -2.64
N ARG A 123 -27.07 4.35 -3.94
CA ARG A 123 -28.02 3.34 -4.37
C ARG A 123 -27.71 2.00 -3.73
N ASP A 124 -26.44 1.61 -3.76
CA ASP A 124 -26.05 0.33 -3.18
C ASP A 124 -26.25 0.27 -1.67
N THR A 125 -25.87 1.32 -0.96
CA THR A 125 -26.00 1.35 0.48
C THR A 125 -27.48 1.31 0.91
N ARG A 126 -28.34 1.96 0.14
CA ARG A 126 -29.78 1.96 0.45
C ARG A 126 -30.39 0.59 0.18
N ALA A 127 -29.94 -0.06 -0.89
CA ALA A 127 -30.48 -1.36 -1.27
C ALA A 127 -30.12 -2.55 -0.39
N LEU A 128 -28.92 -2.55 0.18
CA LEU A 128 -28.48 -3.67 1.01
C LEU A 128 -28.95 -3.65 2.46
N SER A 129 -29.32 -4.82 2.96
CA SER A 129 -29.78 -4.94 4.33
C SER A 129 -28.65 -4.63 5.31
N ASP A 130 -29.02 -4.36 6.55
CA ASP A 130 -28.05 -4.07 7.59
C ASP A 130 -27.06 -5.23 7.69
N GLU A 131 -27.58 -6.46 7.60
CA GLU A 131 -26.74 -7.66 7.67
C GLU A 131 -25.70 -7.71 6.57
N VAL A 132 -26.12 -7.37 5.35
CA VAL A 132 -25.21 -7.42 4.23
C VAL A 132 -24.16 -6.31 4.33
N LEU A 133 -24.56 -5.14 4.78
CA LEU A 133 -23.60 -4.05 4.94
C LEU A 133 -22.55 -4.45 5.99
N VAL A 134 -22.97 -5.17 7.01
CA VAL A 134 -22.04 -5.60 8.03
C VAL A 134 -21.00 -6.52 7.39
N ALA A 135 -21.46 -7.47 6.59
CA ALA A 135 -20.56 -8.42 5.94
C ALA A 135 -19.64 -7.77 4.93
N GLN A 136 -20.13 -6.75 4.22
CA GLN A 136 -19.28 -6.10 3.25
C GLN A 136 -18.20 -5.25 3.90
N ALA A 137 -18.47 -4.80 5.13
CA ALA A 137 -17.54 -3.98 5.88
C ALA A 137 -16.50 -4.79 6.62
N LEU A 138 -16.86 -6.00 7.05
CA LEU A 138 -15.92 -6.83 7.80
C LEU A 138 -14.52 -7.00 7.18
N PRO A 139 -14.42 -7.26 5.87
CA PRO A 139 -13.08 -7.42 5.28
C PRO A 139 -12.22 -6.16 5.40
N ARG A 140 -12.86 -4.99 5.30
CA ARG A 140 -12.14 -3.73 5.42
C ARG A 140 -11.71 -3.54 6.87
N LEU A 141 -12.64 -3.81 7.78
CA LEU A 141 -12.35 -3.69 9.20
C LEU A 141 -11.19 -4.62 9.55
N ASP A 142 -11.28 -5.88 9.12
CA ASP A 142 -10.23 -6.85 9.42
C ASP A 142 -8.86 -6.45 8.85
N THR A 143 -8.84 -5.82 7.68
CA THR A 143 -7.56 -5.43 7.13
C THR A 143 -6.91 -4.38 8.03
N LEU A 144 -7.72 -3.46 8.55
CA LEU A 144 -7.19 -2.43 9.44
C LEU A 144 -6.71 -3.05 10.76
N LEU A 145 -7.53 -3.94 11.32
CA LEU A 145 -7.17 -4.60 12.57
C LEU A 145 -5.87 -5.38 12.43
N SER A 146 -5.65 -6.00 11.27
CA SER A 146 -4.45 -6.78 11.02
C SER A 146 -3.20 -5.91 11.08
N GLU A 147 -3.39 -4.59 11.02
CA GLU A 147 -2.29 -3.64 11.08
C GLU A 147 -2.13 -2.99 12.45
N GLY A 148 -2.81 -3.52 13.46
CA GLY A 148 -2.67 -2.96 14.79
C GLY A 148 -3.64 -1.84 15.14
N VAL A 149 -4.64 -1.62 14.30
CA VAL A 149 -5.62 -0.58 14.58
C VAL A 149 -6.60 -1.13 15.62
N SER A 150 -6.95 -0.32 16.61
CA SER A 150 -7.87 -0.78 17.64
C SER A 150 -9.07 0.17 17.81
N THR A 151 -8.95 1.39 17.29
CA THR A 151 -10.04 2.36 17.38
C THR A 151 -10.30 2.89 15.98
N ILE A 152 -11.55 2.89 15.56
CA ILE A 152 -11.91 3.34 14.22
C ILE A 152 -13.16 4.19 14.22
N GLU A 153 -13.10 5.32 13.51
CA GLU A 153 -14.27 6.19 13.40
C GLU A 153 -14.96 5.86 12.08
N ILE A 154 -16.27 5.66 12.13
CA ILE A 154 -17.06 5.34 10.94
C ILE A 154 -18.17 6.37 10.76
N LYS A 155 -18.30 6.89 9.55
CA LYS A 155 -19.30 7.90 9.25
C LYS A 155 -20.45 7.32 8.44
N SER A 156 -21.59 7.99 8.47
CA SER A 156 -22.71 7.54 7.65
C SER A 156 -22.51 8.42 6.40
N GLY A 157 -23.56 8.94 5.79
CA GLY A 157 -23.32 9.79 4.63
C GLY A 157 -23.49 9.20 3.25
N TYR A 158 -23.87 7.93 3.15
CA TYR A 158 -24.12 7.31 1.85
C TYR A 158 -25.57 6.85 1.80
N GLY A 159 -26.37 7.37 2.73
CA GLY A 159 -27.78 7.02 2.76
C GLY A 159 -28.58 8.17 2.19
N LEU A 160 -28.36 9.36 2.75
CA LEU A 160 -29.02 10.58 2.33
C LEU A 160 -30.54 10.58 2.51
N ASP A 161 -31.01 9.73 3.42
CA ASP A 161 -32.41 9.68 3.82
C ASP A 161 -32.31 9.15 5.24
N ILE A 162 -33.30 9.46 6.07
CA ILE A 162 -33.22 9.06 7.47
C ILE A 162 -32.99 7.58 7.74
N GLU A 163 -33.80 6.72 7.13
CA GLU A 163 -33.68 5.30 7.37
C GLU A 163 -32.31 4.73 7.02
N THR A 164 -31.74 5.12 5.89
CA THR A 164 -30.44 4.58 5.51
C THR A 164 -29.30 5.17 6.33
N GLU A 165 -29.41 6.44 6.68
CA GLU A 165 -28.37 7.05 7.49
C GLU A 165 -28.30 6.35 8.84
N LEU A 166 -29.46 6.04 9.44
CA LEU A 166 -29.48 5.37 10.74
C LEU A 166 -29.00 3.93 10.61
N LYS A 167 -29.35 3.28 9.51
CA LYS A 167 -28.93 1.90 9.26
C LYS A 167 -27.39 1.84 9.26
N MET A 168 -26.75 2.81 8.61
CA MET A 168 -25.29 2.83 8.58
C MET A 168 -24.69 2.91 9.98
N LEU A 169 -25.28 3.74 10.84
CA LEU A 169 -24.78 3.89 12.20
C LEU A 169 -25.00 2.58 13.00
N ARG A 170 -26.13 1.92 12.78
CA ARG A 170 -26.42 0.66 13.48
C ARG A 170 -25.39 -0.39 13.04
N VAL A 171 -25.08 -0.40 11.76
CA VAL A 171 -24.10 -1.33 11.20
C VAL A 171 -22.76 -1.08 11.89
N ALA A 172 -22.38 0.19 12.02
CA ALA A 172 -21.11 0.53 12.67
C ALA A 172 -21.09 0.04 14.12
N ARG A 173 -22.18 0.25 14.84
CA ARG A 173 -22.27 -0.20 16.23
C ARG A 173 -22.16 -1.72 16.31
N ARG A 174 -22.86 -2.38 15.39
CA ARG A 174 -22.87 -3.84 15.34
C ARG A 174 -21.48 -4.42 15.09
N LEU A 175 -20.68 -3.75 14.28
CA LEU A 175 -19.33 -4.22 13.99
C LEU A 175 -18.51 -4.37 15.26
N GLU A 176 -18.73 -3.47 16.20
CA GLU A 176 -18.02 -3.48 17.47
C GLU A 176 -18.34 -4.73 18.29
N THR A 177 -19.46 -5.38 17.98
CA THR A 177 -19.85 -6.59 18.71
C THR A 177 -19.31 -7.85 18.04
N LEU A 178 -18.70 -7.69 16.87
CA LEU A 178 -18.17 -8.84 16.14
C LEU A 178 -16.65 -8.96 16.17
N ARG A 179 -15.97 -7.90 16.61
CA ARG A 179 -14.52 -7.88 16.67
C ARG A 179 -14.00 -7.06 17.85
N PRO A 180 -12.76 -7.31 18.28
CA PRO A 180 -12.14 -6.59 19.40
C PRO A 180 -11.71 -5.22 18.88
N VAL A 181 -12.65 -4.28 18.84
CA VAL A 181 -12.36 -2.94 18.34
C VAL A 181 -13.22 -1.88 19.00
N ARG A 182 -12.70 -0.66 19.08
CA ARG A 182 -13.45 0.45 19.64
C ARG A 182 -13.93 1.25 18.44
N ILE A 183 -15.24 1.37 18.29
CA ILE A 183 -15.77 2.12 17.16
C ILE A 183 -16.54 3.35 17.60
N VAL A 184 -16.22 4.48 16.98
CA VAL A 184 -16.92 5.72 17.27
C VAL A 184 -17.62 6.08 15.97
N THR A 185 -18.81 6.66 16.07
CA THR A 185 -19.57 7.01 14.88
C THR A 185 -19.77 8.51 14.68
N SER A 186 -19.94 8.89 13.42
CA SER A 186 -20.19 10.28 13.06
C SER A 186 -21.39 10.32 12.14
N TYR A 187 -22.37 11.13 12.53
CA TYR A 187 -23.58 11.29 11.76
C TYR A 187 -23.24 12.25 10.62
N LEU A 188 -23.21 11.74 9.39
CA LEU A 188 -22.86 12.57 8.25
C LEU A 188 -23.94 12.67 7.19
N ALA A 189 -25.16 13.01 7.59
CA ALA A 189 -26.23 13.14 6.61
C ALA A 189 -25.93 14.34 5.72
N ALA A 190 -25.23 15.35 6.26
CA ALA A 190 -24.87 16.54 5.50
C ALA A 190 -23.60 16.32 4.67
N HIS A 191 -23.62 15.28 3.85
CA HIS A 191 -22.50 14.90 3.00
C HIS A 191 -22.74 15.41 1.58
N ALA A 192 -23.97 15.23 1.11
CA ALA A 192 -24.38 15.67 -0.21
C ALA A 192 -25.90 15.55 -0.25
N THR A 193 -26.51 16.13 -1.28
CA THR A 193 -27.96 16.02 -1.41
C THR A 193 -28.23 14.89 -2.38
N PRO A 194 -29.28 14.09 -2.13
CA PRO A 194 -29.62 12.99 -3.03
C PRO A 194 -30.33 13.57 -4.25
N ALA A 195 -30.57 12.74 -5.25
CA ALA A 195 -31.22 13.17 -6.49
C ALA A 195 -32.46 14.04 -6.31
N ASP A 196 -33.37 13.66 -5.41
CA ASP A 196 -34.58 14.45 -5.22
C ASP A 196 -34.44 15.76 -4.45
N TYR A 197 -33.25 16.05 -3.95
CA TYR A 197 -33.03 17.30 -3.22
C TYR A 197 -31.99 18.23 -3.82
N LYS A 198 -31.55 17.92 -5.04
CA LYS A 198 -30.57 18.76 -5.69
C LYS A 198 -31.16 20.15 -5.87
N GLY A 199 -30.37 21.17 -5.55
CA GLY A 199 -30.83 22.54 -5.66
C GLY A 199 -31.65 22.93 -4.45
N ARG A 200 -31.89 21.97 -3.54
CA ARG A 200 -32.66 22.23 -2.33
C ARG A 200 -31.91 21.85 -1.04
N ASN A 201 -30.72 22.41 -0.85
CA ASN A 201 -29.91 22.12 0.34
C ASN A 201 -30.66 22.43 1.64
N ALA A 202 -31.41 23.54 1.65
CA ALA A 202 -32.16 23.93 2.84
C ALA A 202 -33.22 22.90 3.25
N ASP A 203 -34.04 22.46 2.29
CA ASP A 203 -35.10 21.48 2.56
C ASP A 203 -34.49 20.15 2.96
N TYR A 204 -33.35 19.81 2.38
CA TYR A 204 -32.69 18.56 2.71
C TYR A 204 -32.29 18.60 4.20
N ILE A 205 -31.71 19.71 4.62
CA ILE A 205 -31.31 19.85 6.01
C ILE A 205 -32.56 19.79 6.91
N THR A 206 -33.61 20.48 6.48
CA THR A 206 -34.86 20.52 7.21
C THR A 206 -35.57 19.17 7.32
N ASP A 207 -35.60 18.43 6.21
CA ASP A 207 -36.31 17.16 6.15
C ASP A 207 -35.54 15.90 6.52
N VAL A 208 -34.25 15.86 6.20
CA VAL A 208 -33.46 14.67 6.47
C VAL A 208 -32.39 14.85 7.55
N VAL A 209 -31.51 15.82 7.36
CA VAL A 209 -30.42 16.00 8.30
C VAL A 209 -30.85 16.25 9.74
N LEU A 210 -31.66 17.29 9.97
CA LEU A 210 -32.08 17.59 11.33
C LEU A 210 -32.97 16.52 11.99
N PRO A 211 -34.00 16.03 11.29
CA PRO A 211 -34.86 15.00 11.90
C PRO A 211 -34.06 13.70 12.13
N GLY A 212 -33.14 13.43 11.21
CA GLY A 212 -32.32 12.24 11.32
C GLY A 212 -31.39 12.33 12.51
N LEU A 213 -30.88 13.53 12.76
CA LEU A 213 -29.97 13.76 13.88
C LEU A 213 -30.73 13.53 15.19
N GLU A 214 -31.96 14.03 15.23
CA GLU A 214 -32.81 13.87 16.40
C GLU A 214 -33.03 12.40 16.71
N LYS A 215 -33.37 11.64 15.68
CA LYS A 215 -33.64 10.21 15.82
C LYS A 215 -32.36 9.43 16.14
N ALA A 216 -31.24 9.84 15.54
CA ALA A 216 -29.97 9.19 15.79
C ALA A 216 -29.59 9.38 17.26
N HIS A 217 -29.73 10.63 17.73
CA HIS A 217 -29.42 10.97 19.11
C HIS A 217 -30.31 10.21 20.10
N ALA A 218 -31.60 10.16 19.81
CA ALA A 218 -32.55 9.45 20.68
C ALA A 218 -32.17 7.97 20.81
N GLU A 219 -31.57 7.40 19.77
CA GLU A 219 -31.17 6.00 19.79
C GLU A 219 -29.73 5.80 20.23
N GLY A 220 -29.03 6.90 20.52
CA GLY A 220 -27.64 6.81 20.95
C GLY A 220 -26.74 6.24 19.88
N LEU A 221 -27.04 6.54 18.62
CA LEU A 221 -26.27 6.03 17.49
C LEU A 221 -25.13 6.91 16.99
N ALA A 222 -25.12 8.17 17.39
CA ALA A 222 -24.10 9.09 16.93
C ALA A 222 -23.22 9.64 18.05
N ASP A 223 -21.90 9.51 17.88
CA ASP A 223 -20.97 10.02 18.88
C ASP A 223 -20.57 11.43 18.52
N ALA A 224 -20.81 11.80 17.25
CA ALA A 224 -20.47 13.13 16.77
C ALA A 224 -21.28 13.45 15.52
N VAL A 225 -21.25 14.71 15.10
CA VAL A 225 -21.96 15.15 13.92
C VAL A 225 -20.91 15.74 12.96
N ASP A 226 -20.97 15.29 11.71
CA ASP A 226 -20.01 15.69 10.68
C ASP A 226 -20.73 16.47 9.57
N GLY A 227 -19.99 16.94 8.58
CA GLY A 227 -20.60 17.67 7.49
C GLY A 227 -19.58 17.89 6.40
N PHE A 228 -20.03 18.30 5.23
CA PHE A 228 -19.12 18.56 4.12
C PHE A 228 -19.37 19.99 3.66
N CYS A 229 -18.43 20.86 3.99
CA CYS A 229 -18.53 22.28 3.64
C CYS A 229 -17.70 22.53 2.39
N GLU A 230 -18.38 22.74 1.27
CA GLU A 230 -17.68 22.95 0.01
C GLU A 230 -18.64 23.52 -1.03
N GLY A 231 -18.08 24.04 -2.11
CA GLY A 231 -18.87 24.60 -3.18
C GLY A 231 -19.85 23.57 -3.75
N ILE A 232 -19.37 22.35 -3.95
CA ILE A 232 -20.18 21.29 -4.53
C ILE A 232 -21.09 20.61 -3.50
N ALA A 233 -21.07 21.14 -2.28
CA ALA A 233 -21.84 20.57 -1.18
C ALA A 233 -22.62 21.63 -0.40
N PHE A 234 -22.38 21.71 0.91
CA PHE A 234 -23.08 22.67 1.75
C PHE A 234 -22.24 23.90 2.10
N SER A 235 -22.91 25.04 2.23
CA SER A 235 -22.24 26.30 2.55
C SER A 235 -21.98 26.41 4.05
N VAL A 236 -21.20 27.43 4.44
CA VAL A 236 -20.91 27.66 5.84
C VAL A 236 -22.22 27.87 6.62
N LYS A 237 -23.11 28.67 6.04
CA LYS A 237 -24.39 28.98 6.65
C LYS A 237 -25.25 27.73 6.87
N GLU A 238 -25.23 26.81 5.90
CA GLU A 238 -26.00 25.59 5.99
C GLU A 238 -25.45 24.65 7.06
N ILE A 239 -24.13 24.47 7.06
CA ILE A 239 -23.48 23.62 8.05
C ILE A 239 -23.71 24.20 9.45
N ASP A 240 -23.63 25.52 9.56
CA ASP A 240 -23.84 26.19 10.84
C ASP A 240 -25.18 25.76 11.42
N ARG A 241 -26.15 25.59 10.55
CA ARG A 241 -27.48 25.19 10.97
C ARG A 241 -27.45 23.78 11.58
N VAL A 242 -26.66 22.90 10.98
CA VAL A 242 -26.52 21.53 11.46
C VAL A 242 -25.73 21.48 12.77
N PHE A 243 -24.67 22.27 12.86
CA PHE A 243 -23.84 22.30 14.06
C PHE A 243 -24.60 22.86 15.25
N ALA A 244 -25.44 23.86 15.01
CA ALA A 244 -26.23 24.45 16.10
C ALA A 244 -27.15 23.39 16.68
N ALA A 245 -27.69 22.52 15.82
CA ALA A 245 -28.56 21.45 16.26
C ALA A 245 -27.74 20.43 17.04
N ALA A 246 -26.51 20.20 16.60
CA ALA A 246 -25.63 19.25 17.30
C ALA A 246 -25.36 19.75 18.71
N GLN A 247 -24.98 21.02 18.80
CA GLN A 247 -24.69 21.66 20.09
C GLN A 247 -25.87 21.50 21.04
N GLN A 248 -27.08 21.76 20.55
CA GLN A 248 -28.27 21.66 21.37
C GLN A 248 -28.53 20.25 21.91
N ARG A 249 -27.97 19.24 21.26
CA ARG A 249 -28.15 17.87 21.72
C ARG A 249 -26.90 17.32 22.41
N GLY A 250 -25.98 18.22 22.73
CA GLY A 250 -24.75 17.83 23.42
C GLY A 250 -23.77 16.99 22.63
N LEU A 251 -23.88 16.99 21.31
CA LEU A 251 -22.98 16.20 20.47
C LEU A 251 -21.84 17.02 19.88
N PRO A 252 -20.61 16.51 19.95
CA PRO A 252 -19.45 17.22 19.40
C PRO A 252 -19.54 17.20 17.87
N VAL A 253 -18.81 18.09 17.23
CA VAL A 253 -18.84 18.17 15.77
C VAL A 253 -17.47 18.07 15.13
N LYS A 254 -17.47 17.85 13.82
CA LYS A 254 -16.25 17.75 13.04
C LYS A 254 -16.65 18.14 11.62
N LEU A 255 -15.68 18.42 10.75
CA LEU A 255 -16.03 18.87 9.41
C LEU A 255 -15.04 18.55 8.30
N HIS A 256 -15.57 18.21 7.12
CA HIS A 256 -14.74 17.97 5.93
C HIS A 256 -14.62 19.41 5.42
N ALA A 257 -13.43 20.01 5.50
CA ALA A 257 -13.26 21.39 5.09
C ALA A 257 -12.06 21.71 4.22
N GLU A 258 -12.21 22.75 3.41
CA GLU A 258 -11.17 23.23 2.50
C GLU A 258 -10.55 22.16 1.62
N GLN A 259 -11.33 21.17 1.22
CA GLN A 259 -10.76 20.13 0.37
C GLN A 259 -10.55 20.59 -1.08
N LEU A 260 -11.53 21.30 -1.64
CA LEU A 260 -11.43 21.74 -3.02
C LEU A 260 -11.34 23.26 -3.19
N SER A 261 -11.63 24.00 -2.12
CA SER A 261 -11.58 25.45 -2.14
C SER A 261 -11.61 26.00 -0.72
N ASN A 262 -11.33 27.29 -0.58
CA ASN A 262 -11.32 27.95 0.72
C ASN A 262 -12.62 28.72 0.95
N LEU A 263 -13.53 28.14 1.73
CA LEU A 263 -14.82 28.78 2.02
C LEU A 263 -14.93 29.26 3.46
N GLY A 264 -13.98 28.86 4.30
CA GLY A 264 -14.02 29.26 5.70
C GLY A 264 -14.65 28.18 6.58
N GLY A 265 -14.68 26.96 6.07
CA GLY A 265 -15.24 25.85 6.83
C GLY A 265 -14.44 25.58 8.08
N ALA A 266 -13.12 25.62 7.96
CA ALA A 266 -12.24 25.39 9.10
C ALA A 266 -12.58 26.35 10.23
N GLU A 267 -12.75 27.62 9.88
CA GLU A 267 -13.06 28.66 10.85
C GLU A 267 -14.39 28.40 11.56
N LEU A 268 -15.37 27.91 10.81
CA LEU A 268 -16.67 27.61 11.40
C LEU A 268 -16.51 26.43 12.36
N ALA A 269 -15.77 25.41 11.93
CA ALA A 269 -15.57 24.24 12.75
C ALA A 269 -14.94 24.68 14.07
N ALA A 270 -13.93 25.53 13.98
CA ALA A 270 -13.23 26.01 15.17
C ALA A 270 -14.17 26.75 16.14
N SER A 271 -15.13 27.51 15.60
CA SER A 271 -16.05 28.25 16.46
C SER A 271 -16.97 27.33 17.25
N TYR A 272 -17.14 26.10 16.75
CA TYR A 272 -17.98 25.12 17.43
C TYR A 272 -17.13 24.12 18.20
N ASN A 273 -15.89 24.51 18.48
CA ASN A 273 -14.95 23.65 19.21
C ASN A 273 -14.87 22.27 18.56
N ALA A 274 -14.85 22.24 17.23
CA ALA A 274 -14.79 20.97 16.51
C ALA A 274 -13.66 20.04 16.97
N LEU A 275 -13.94 18.75 17.01
CA LEU A 275 -12.92 17.77 17.39
C LEU A 275 -11.83 17.77 16.33
N SER A 276 -12.24 17.95 15.08
CA SER A 276 -11.30 17.96 13.97
C SER A 276 -11.89 18.61 12.72
N ALA A 277 -10.99 19.05 11.84
CA ALA A 277 -11.35 19.63 10.55
C ALA A 277 -10.49 18.73 9.65
N ASP A 278 -11.10 18.16 8.62
CA ASP A 278 -10.41 17.20 7.76
C ASP A 278 -10.27 17.60 6.29
N HIS A 279 -9.16 17.17 5.70
CA HIS A 279 -8.69 17.41 4.31
C HIS A 279 -7.78 18.63 4.31
N LEU A 280 -8.40 19.82 4.35
CA LEU A 280 -7.67 21.08 4.44
C LEU A 280 -6.68 21.48 3.35
N GLU A 281 -6.78 20.87 2.18
CA GLU A 281 -5.85 21.22 1.10
C GLU A 281 -5.74 22.74 0.87
N TYR A 282 -6.88 23.43 0.91
CA TYR A 282 -6.93 24.88 0.65
C TYR A 282 -7.00 25.76 1.90
N LEU A 283 -6.61 25.20 3.04
CA LEU A 283 -6.63 25.97 4.28
C LEU A 283 -5.60 27.09 4.22
N ASP A 284 -6.00 28.32 4.59
CA ASP A 284 -5.06 29.44 4.59
C ASP A 284 -4.47 29.64 5.99
N GLU A 285 -3.55 30.59 6.12
CA GLU A 285 -2.89 30.86 7.39
C GLU A 285 -3.86 31.21 8.52
N THR A 286 -4.86 32.02 8.20
CA THR A 286 -5.85 32.43 9.19
C THR A 286 -6.58 31.20 9.69
N GLY A 287 -6.90 30.29 8.77
CA GLY A 287 -7.59 29.08 9.13
C GLY A 287 -6.76 28.20 10.05
N ALA A 288 -5.48 28.04 9.75
CA ALA A 288 -4.59 27.23 10.56
C ALA A 288 -4.54 27.73 12.01
N LYS A 289 -4.46 29.05 12.17
CA LYS A 289 -4.41 29.67 13.49
C LYS A 289 -5.73 29.48 14.24
N ALA A 290 -6.84 29.52 13.52
CA ALA A 290 -8.15 29.34 14.13
C ALA A 290 -8.26 27.92 14.69
N LEU A 291 -7.76 26.95 13.94
CA LEU A 291 -7.81 25.57 14.38
C LEU A 291 -6.96 25.35 15.64
N ALA A 292 -5.74 25.87 15.64
CA ALA A 292 -4.86 25.71 16.80
C ALA A 292 -5.45 26.41 18.01
N LYS A 293 -5.99 27.60 17.81
CA LYS A 293 -6.58 28.37 18.91
C LYS A 293 -7.77 27.63 19.53
N ALA A 294 -8.57 26.98 18.69
CA ALA A 294 -9.75 26.25 19.17
C ALA A 294 -9.40 24.87 19.72
N GLY A 295 -8.22 24.36 19.35
CA GLY A 295 -7.82 23.04 19.81
C GLY A 295 -8.35 21.97 18.89
N THR A 296 -8.79 22.37 17.69
CA THR A 296 -9.32 21.44 16.71
C THR A 296 -8.17 20.74 16.00
N VAL A 297 -8.21 19.41 15.93
CA VAL A 297 -7.15 18.66 15.27
C VAL A 297 -7.29 18.76 13.75
N ALA A 298 -6.16 18.92 13.08
CA ALA A 298 -6.15 19.01 11.62
C ALA A 298 -5.93 17.59 11.10
N VAL A 299 -6.93 17.05 10.43
CA VAL A 299 -6.84 15.69 9.89
C VAL A 299 -6.52 15.72 8.42
N LEU A 300 -5.33 15.24 8.07
CA LEU A 300 -4.90 15.21 6.68
C LEU A 300 -5.18 13.80 6.15
N LEU A 301 -5.59 13.73 4.89
CA LEU A 301 -5.94 12.47 4.27
C LEU A 301 -5.21 12.28 2.96
N PRO A 302 -4.00 11.72 3.01
CA PRO A 302 -3.18 11.49 1.81
C PRO A 302 -3.80 10.54 0.79
N GLY A 303 -4.69 9.66 1.22
CA GLY A 303 -5.32 8.74 0.28
C GLY A 303 -6.12 9.45 -0.80
N ALA A 304 -6.98 10.38 -0.36
CA ALA A 304 -7.82 11.15 -1.26
C ALA A 304 -6.95 12.05 -2.12
N PHE A 305 -5.91 12.63 -1.51
CA PHE A 305 -4.99 13.50 -2.22
C PHE A 305 -4.37 12.71 -3.38
N TYR A 306 -3.82 11.55 -3.04
CA TYR A 306 -3.20 10.66 -4.00
C TYR A 306 -4.17 10.15 -5.08
N ALA A 307 -5.29 9.58 -4.65
CA ALA A 307 -6.26 9.04 -5.59
C ALA A 307 -6.90 10.08 -6.51
N LEU A 308 -7.10 11.28 -6.00
CA LEU A 308 -7.71 12.33 -6.81
C LEU A 308 -6.72 13.14 -7.63
N ARG A 309 -5.44 12.78 -7.53
CA ARG A 309 -4.41 13.49 -8.27
C ARG A 309 -4.40 14.98 -7.94
N GLU A 310 -4.70 15.30 -6.67
CA GLU A 310 -4.73 16.70 -6.24
C GLU A 310 -3.35 17.33 -6.38
N LYS A 311 -3.32 18.63 -6.65
CA LYS A 311 -2.07 19.36 -6.81
C LYS A 311 -1.80 20.30 -5.63
N GLN A 312 -2.88 20.76 -4.99
CA GLN A 312 -2.76 21.67 -3.84
C GLN A 312 -2.47 20.90 -2.55
N LEU A 313 -1.27 21.07 -2.02
CA LEU A 313 -0.88 20.40 -0.78
C LEU A 313 -1.43 21.15 0.43
N PRO A 314 -1.84 20.41 1.47
CA PRO A 314 -2.35 21.11 2.65
C PRO A 314 -1.19 21.90 3.26
N PRO A 315 -1.48 22.99 3.97
CA PRO A 315 -0.45 23.83 4.61
C PRO A 315 0.20 23.23 5.84
N VAL A 316 1.00 22.20 5.65
CA VAL A 316 1.66 21.55 6.76
C VAL A 316 2.52 22.50 7.60
N GLN A 317 3.34 23.32 6.97
CA GLN A 317 4.20 24.24 7.73
C GLN A 317 3.39 25.29 8.48
N ALA A 318 2.33 25.80 7.86
CA ALA A 318 1.47 26.79 8.51
C ALA A 318 0.84 26.14 9.74
N LEU A 319 0.47 24.87 9.61
CA LEU A 319 -0.14 24.15 10.74
C LEU A 319 0.90 23.99 11.85
N ARG A 320 2.12 23.64 11.47
CA ARG A 320 3.22 23.48 12.44
C ARG A 320 3.47 24.79 13.17
N ASP A 321 3.59 25.88 12.42
CA ASP A 321 3.86 27.19 13.00
C ASP A 321 2.77 27.69 13.93
N ALA A 322 1.51 27.45 13.55
CA ALA A 322 0.38 27.89 14.35
C ALA A 322 0.21 27.05 15.61
N GLY A 323 0.90 25.91 15.64
CA GLY A 323 0.81 25.03 16.79
C GLY A 323 -0.34 24.05 16.72
N ALA A 324 -0.95 23.90 15.56
CA ALA A 324 -2.06 22.97 15.40
C ALA A 324 -1.56 21.52 15.40
N GLU A 325 -2.38 20.61 15.92
CA GLU A 325 -2.03 19.20 15.97
C GLU A 325 -2.49 18.51 14.68
N ILE A 326 -1.64 17.68 14.10
CA ILE A 326 -1.98 16.98 12.87
C ILE A 326 -2.20 15.49 13.05
N ALA A 327 -3.27 14.98 12.46
CA ALA A 327 -3.59 13.57 12.50
C ALA A 327 -3.69 13.08 11.06
N LEU A 328 -3.57 11.77 10.87
CA LEU A 328 -3.62 11.15 9.55
C LEU A 328 -4.62 9.99 9.57
N ALA A 329 -5.39 9.85 8.50
CA ALA A 329 -6.37 8.76 8.42
C ALA A 329 -6.48 8.24 6.99
N THR A 330 -7.09 7.06 6.86
CA THR A 330 -7.26 6.42 5.55
C THR A 330 -8.37 7.05 4.72
N ASP A 331 -9.38 7.61 5.39
CA ASP A 331 -10.53 8.19 4.71
C ASP A 331 -11.13 7.09 3.83
N CYS A 332 -10.97 5.85 4.27
CA CYS A 332 -11.46 4.72 3.52
C CYS A 332 -12.88 4.92 3.02
N ASN A 333 -13.02 5.01 1.70
CA ASN A 333 -14.32 5.18 1.08
C ASN A 333 -14.18 4.69 -0.37
N PRO A 334 -15.27 4.24 -0.98
CA PRO A 334 -15.24 3.73 -2.34
C PRO A 334 -15.01 4.72 -3.48
N GLY A 335 -15.31 6.00 -3.24
CA GLY A 335 -15.18 6.98 -4.30
C GLY A 335 -13.91 7.78 -4.48
N THR A 336 -13.31 8.22 -3.39
CA THR A 336 -12.10 9.03 -3.51
C THR A 336 -10.87 8.47 -2.81
N SER A 337 -11.05 7.46 -1.96
CA SER A 337 -9.89 6.93 -1.24
C SER A 337 -10.13 5.50 -0.78
N PRO A 338 -10.19 4.55 -1.73
CA PRO A 338 -10.41 3.13 -1.43
C PRO A 338 -9.16 2.55 -0.78
N LEU A 339 -8.76 3.18 0.31
CA LEU A 339 -7.56 2.83 1.07
C LEU A 339 -7.90 2.10 2.37
N THR A 340 -7.29 0.93 2.57
CA THR A 340 -7.53 0.16 3.77
C THR A 340 -6.28 -0.13 4.58
N SER A 341 -5.27 0.72 4.46
CA SER A 341 -4.03 0.55 5.22
C SER A 341 -3.60 1.84 5.90
N LEU A 342 -3.58 1.83 7.22
CA LEU A 342 -3.16 2.98 8.00
C LEU A 342 -1.63 3.09 7.98
N LEU A 343 -0.95 1.96 7.84
CA LEU A 343 0.51 1.96 7.77
C LEU A 343 0.93 2.67 6.47
N LEU A 344 0.22 2.38 5.39
CA LEU A 344 0.51 3.02 4.11
C LEU A 344 0.18 4.50 4.22
N THR A 345 -0.89 4.81 4.93
CA THR A 345 -1.30 6.20 5.12
C THR A 345 -0.14 7.01 5.73
N MET A 346 0.55 6.42 6.71
CA MET A 346 1.67 7.13 7.33
C MET A 346 2.79 7.33 6.32
N ASN A 347 3.08 6.30 5.52
CA ASN A 347 4.13 6.43 4.52
C ASN A 347 3.77 7.51 3.52
N MET A 348 2.49 7.64 3.19
CA MET A 348 2.04 8.67 2.26
C MET A 348 2.10 10.05 2.90
N GLY A 349 1.84 10.11 4.20
CA GLY A 349 1.90 11.39 4.89
C GLY A 349 3.33 11.92 4.84
N ALA A 350 4.28 11.01 4.99
CA ALA A 350 5.69 11.37 4.95
C ALA A 350 6.14 11.68 3.52
N THR A 351 5.80 10.78 2.60
CA THR A 351 6.19 10.92 1.21
C THR A 351 5.50 12.05 0.44
N LEU A 352 4.19 12.15 0.57
CA LEU A 352 3.46 13.18 -0.14
C LEU A 352 3.37 14.52 0.59
N PHE A 353 3.17 14.49 1.90
CA PHE A 353 3.04 15.74 2.67
C PHE A 353 4.30 16.19 3.38
N ARG A 354 5.35 15.38 3.32
CA ARG A 354 6.64 15.70 3.95
C ARG A 354 6.56 15.84 5.47
N MET A 355 5.70 15.04 6.08
CA MET A 355 5.54 15.04 7.53
C MET A 355 6.69 14.20 8.07
N THR A 356 7.22 14.57 9.24
CA THR A 356 8.32 13.84 9.83
C THR A 356 7.84 12.50 10.39
N VAL A 357 8.78 11.60 10.67
CA VAL A 357 8.45 10.30 11.22
C VAL A 357 7.71 10.48 12.54
N GLU A 358 8.18 11.42 13.35
CA GLU A 358 7.54 11.68 14.64
C GLU A 358 6.12 12.16 14.43
N GLU A 359 5.90 13.04 13.46
CA GLU A 359 4.55 13.54 13.19
C GLU A 359 3.64 12.43 12.71
N CYS A 360 4.16 11.53 11.88
CA CYS A 360 3.35 10.43 11.36
C CYS A 360 2.95 9.43 12.43
N LEU A 361 3.86 9.12 13.35
CA LEU A 361 3.55 8.17 14.42
C LEU A 361 2.54 8.79 15.39
N THR A 362 2.71 10.09 15.65
CA THR A 362 1.84 10.82 16.56
C THR A 362 0.48 11.01 15.90
N ALA A 363 0.49 11.20 14.58
CA ALA A 363 -0.74 11.40 13.80
C ALA A 363 -1.71 10.22 13.80
N THR A 364 -1.23 9.01 14.09
CA THR A 364 -2.10 7.84 14.08
C THR A 364 -2.29 7.25 15.47
N THR A 365 -1.87 7.99 16.50
CA THR A 365 -2.03 7.53 17.86
C THR A 365 -2.59 8.67 18.73
N ARG A 366 -1.71 9.45 19.34
CA ARG A 366 -2.15 10.53 20.22
C ARG A 366 -3.07 11.56 19.56
N ASN A 367 -2.65 12.10 18.42
CA ASN A 367 -3.47 13.09 17.75
C ASN A 367 -4.75 12.51 17.16
N ALA A 368 -4.73 11.24 16.79
CA ALA A 368 -5.92 10.60 16.26
C ALA A 368 -6.91 10.41 17.41
N ALA A 369 -6.40 10.05 18.58
CA ALA A 369 -7.25 9.86 19.74
C ALA A 369 -7.90 11.19 20.09
N LYS A 370 -7.12 12.25 19.98
CA LYS A 370 -7.61 13.59 20.28
C LYS A 370 -8.68 14.01 19.28
N ALA A 371 -8.48 13.64 18.02
CA ALA A 371 -9.45 13.99 16.98
C ALA A 371 -10.79 13.30 17.24
N LEU A 372 -10.78 12.27 18.08
CA LEU A 372 -12.02 11.55 18.38
C LEU A 372 -12.54 11.85 19.77
N GLY A 373 -11.85 12.74 20.48
CA GLY A 373 -12.23 13.10 21.83
C GLY A 373 -11.99 11.92 22.78
N LEU A 374 -11.02 11.09 22.45
CA LEU A 374 -10.73 9.90 23.25
C LEU A 374 -9.35 9.89 23.91
N LEU A 375 -8.66 11.03 23.88
CA LEU A 375 -7.32 11.08 24.47
C LEU A 375 -7.27 10.65 25.93
N ALA A 376 -8.31 10.96 26.70
CA ALA A 376 -8.31 10.58 28.11
C ALA A 376 -8.47 9.06 28.25
N GLU A 377 -8.99 8.44 27.21
CA GLU A 377 -9.25 6.99 27.20
C GLU A 377 -8.20 6.09 26.53
N THR A 378 -7.61 6.55 25.45
CA THR A 378 -6.63 5.72 24.73
C THR A 378 -5.69 6.59 23.91
N GLY A 379 -4.84 5.97 23.08
CA GLY A 379 -3.94 6.74 22.24
C GLY A 379 -2.52 6.92 22.74
N THR A 380 -2.28 6.67 24.02
CA THR A 380 -0.93 6.77 24.57
C THR A 380 -0.77 5.71 25.64
N LEU A 381 0.47 5.33 25.90
CA LEU A 381 0.73 4.32 26.91
C LEU A 381 1.00 5.04 28.23
N GLU A 382 -0.07 5.38 28.93
CA GLU A 382 0.01 6.05 30.22
C GLU A 382 -0.94 5.34 31.17
N ALA A 383 -0.62 5.36 32.47
CA ALA A 383 -1.47 4.70 33.46
C ALA A 383 -2.85 5.33 33.48
N GLY A 384 -3.86 4.51 33.73
CA GLY A 384 -5.23 4.99 33.77
C GLY A 384 -5.95 4.85 32.45
N LYS A 385 -5.22 4.67 31.35
CA LYS A 385 -5.83 4.53 30.05
C LYS A 385 -6.09 3.07 29.67
N SER A 386 -6.86 2.88 28.60
CA SER A 386 -7.17 1.54 28.13
C SER A 386 -5.87 0.87 27.70
N ALA A 387 -5.75 -0.43 27.95
CA ALA A 387 -4.55 -1.16 27.60
C ALA A 387 -4.65 -1.64 26.16
N ASP A 388 -4.50 -0.69 25.23
CA ASP A 388 -4.58 -1.02 23.82
C ASP A 388 -3.23 -0.73 23.19
N PHE A 389 -2.52 -1.78 22.80
CA PHE A 389 -1.23 -1.53 22.19
C PHE A 389 -0.85 -2.54 21.12
N ALA A 390 0.13 -2.15 20.31
CA ALA A 390 0.60 -3.01 19.23
C ALA A 390 2.07 -3.33 19.44
N ILE A 391 2.41 -4.60 19.30
CA ILE A 391 3.77 -5.10 19.44
C ILE A 391 4.25 -5.31 18.00
N TRP A 392 5.40 -4.74 17.66
CA TRP A 392 5.93 -4.81 16.32
C TRP A 392 7.25 -5.59 16.17
N ASP A 393 7.47 -6.10 14.97
CA ASP A 393 8.70 -6.82 14.64
C ASP A 393 9.52 -5.81 13.83
N ILE A 394 9.99 -4.77 14.50
CA ILE A 394 10.78 -3.73 13.85
C ILE A 394 12.02 -3.38 14.68
N GLU A 395 13.00 -2.76 14.02
CA GLU A 395 14.24 -2.36 14.69
C GLU A 395 14.09 -0.96 15.27
N ARG A 396 13.44 -0.08 14.51
CA ARG A 396 13.20 1.29 14.91
C ARG A 396 11.79 1.72 14.50
N PRO A 397 11.15 2.61 15.28
CA PRO A 397 9.79 3.06 14.96
C PRO A 397 9.66 3.65 13.57
N ALA A 398 10.74 4.23 13.05
CA ALA A 398 10.72 4.84 11.73
C ALA A 398 10.36 3.83 10.64
N GLU A 399 10.59 2.55 10.90
CA GLU A 399 10.27 1.51 9.93
C GLU A 399 8.79 1.47 9.59
N LEU A 400 7.94 1.87 10.54
CA LEU A 400 6.50 1.86 10.33
C LEU A 400 6.07 2.93 9.33
N VAL A 401 6.90 3.95 9.15
CA VAL A 401 6.61 5.03 8.22
C VAL A 401 7.35 4.84 6.90
N TYR A 402 8.57 4.31 7.02
CA TYR A 402 9.47 4.07 5.89
C TYR A 402 9.01 3.04 4.86
N ARG A 403 8.55 1.87 5.31
CA ARG A 403 8.14 0.84 4.35
C ARG A 403 6.85 1.14 3.60
N ILE A 404 6.75 0.59 2.39
CA ILE A 404 5.58 0.76 1.55
C ILE A 404 4.96 -0.60 1.28
N GLY A 405 3.77 -0.84 1.82
CA GLY A 405 3.11 -2.10 1.60
C GLY A 405 3.69 -3.30 2.34
N PHE A 406 3.94 -3.13 3.63
CA PHE A 406 4.48 -4.19 4.48
C PHE A 406 3.79 -4.11 5.84
N ASN A 407 3.63 -5.25 6.50
CA ASN A 407 2.98 -5.28 7.81
C ASN A 407 3.83 -6.04 8.82
N PRO A 408 4.54 -5.31 9.70
CA PRO A 408 5.40 -5.91 10.72
C PRO A 408 4.73 -6.15 12.07
N LEU A 409 3.41 -6.19 12.08
CA LEU A 409 2.69 -6.41 13.33
C LEU A 409 3.00 -7.78 13.93
N HIS A 410 3.40 -7.78 15.21
CA HIS A 410 3.69 -9.04 15.88
C HIS A 410 2.46 -9.48 16.69
N ALA A 411 1.85 -8.54 17.40
CA ALA A 411 0.67 -8.87 18.20
C ALA A 411 -0.16 -7.63 18.53
N ARG A 412 -1.45 -7.82 18.75
CA ARG A 412 -2.34 -6.71 19.08
C ARG A 412 -3.03 -6.99 20.41
N ILE A 413 -2.97 -6.02 21.32
CA ILE A 413 -3.61 -6.13 22.62
C ILE A 413 -4.72 -5.10 22.70
N PHE A 414 -5.94 -5.56 22.94
CA PHE A 414 -7.09 -4.66 23.04
C PHE A 414 -7.70 -4.78 24.42
N LYS A 415 -7.70 -3.68 25.16
CA LYS A 415 -8.25 -3.67 26.52
C LYS A 415 -7.63 -4.77 27.37
N GLY A 416 -6.30 -4.89 27.30
CA GLY A 416 -5.59 -5.88 28.07
C GLY A 416 -5.66 -7.30 27.56
N GLN A 417 -6.37 -7.51 26.45
CA GLN A 417 -6.51 -8.85 25.89
C GLN A 417 -5.75 -9.05 24.58
N LYS A 418 -4.95 -10.11 24.53
CA LYS A 418 -4.20 -10.42 23.31
C LYS A 418 -5.26 -10.93 22.34
N VAL A 419 -5.36 -10.32 21.16
CA VAL A 419 -6.36 -10.75 20.19
C VAL A 419 -5.76 -11.19 18.87
N SER A 420 -4.70 -10.50 18.45
CA SER A 420 -4.01 -10.82 17.20
C SER A 420 -2.56 -11.20 17.48
N ALA B 17 -1.22 -37.52 -12.34
CA ALA B 17 -1.91 -36.57 -11.42
C ALA B 17 -2.68 -35.51 -12.19
N THR B 18 -4.00 -35.55 -12.08
CA THR B 18 -4.85 -34.59 -12.77
C THR B 18 -5.81 -33.90 -11.81
N ALA B 19 -6.18 -32.67 -12.14
CA ALA B 19 -7.09 -31.90 -11.30
C ALA B 19 -7.86 -30.91 -12.15
N LEU B 20 -9.11 -30.69 -11.78
CA LEU B 20 -9.96 -29.75 -12.50
C LEU B 20 -10.41 -28.60 -11.61
N TRP B 21 -10.41 -27.40 -12.18
CA TRP B 21 -10.86 -26.21 -11.50
C TRP B 21 -11.98 -25.69 -12.36
N ARG B 22 -13.22 -25.99 -12.00
CA ARG B 22 -14.33 -25.54 -12.82
C ARG B 22 -15.20 -24.46 -12.21
N ASN B 23 -16.20 -24.04 -12.97
CA ASN B 23 -17.12 -23.00 -12.57
C ASN B 23 -16.33 -21.75 -12.20
N ALA B 24 -15.58 -21.24 -13.16
CA ALA B 24 -14.77 -20.05 -12.92
C ALA B 24 -14.82 -19.08 -14.07
N GLN B 25 -14.31 -17.88 -13.81
CA GLN B 25 -14.22 -16.85 -14.82
C GLN B 25 -12.71 -16.73 -15.00
N LEU B 26 -12.24 -16.87 -16.22
CA LEU B 26 -10.81 -16.81 -16.47
C LEU B 26 -10.34 -15.54 -17.15
N ALA B 27 -9.20 -15.04 -16.68
CA ALA B 27 -8.54 -13.88 -17.30
C ALA B 27 -7.30 -14.62 -17.80
N THR B 28 -7.41 -15.24 -18.98
CA THR B 28 -6.30 -16.02 -19.52
C THR B 28 -5.09 -15.22 -19.98
N LEU B 29 -5.33 -13.97 -20.37
CA LEU B 29 -4.29 -13.12 -20.90
C LEU B 29 -3.62 -13.75 -22.12
N ASN B 30 -4.38 -14.58 -22.83
CA ASN B 30 -3.90 -15.23 -24.05
C ASN B 30 -3.72 -14.08 -25.05
N PRO B 31 -2.50 -13.89 -25.56
CA PRO B 31 -2.28 -12.80 -26.52
C PRO B 31 -3.05 -12.91 -27.84
N ALA B 32 -3.66 -14.06 -28.09
CA ALA B 32 -4.43 -14.25 -29.31
C ALA B 32 -5.84 -13.70 -29.12
N MET B 33 -6.22 -13.41 -27.88
CA MET B 33 -7.54 -12.88 -27.56
C MET B 33 -7.48 -11.37 -27.30
N ASP B 34 -8.63 -10.71 -27.39
CA ASP B 34 -8.68 -9.26 -27.15
C ASP B 34 -8.70 -9.00 -25.64
N GLY B 35 -8.26 -7.81 -25.25
CA GLY B 35 -8.25 -7.46 -23.83
C GLY B 35 -7.45 -8.43 -22.98
N ILE B 36 -8.01 -8.84 -21.85
CA ILE B 36 -7.30 -9.77 -20.97
C ILE B 36 -7.66 -11.22 -21.22
N GLY B 37 -8.34 -11.48 -22.34
CA GLY B 37 -8.71 -12.84 -22.69
C GLY B 37 -9.66 -13.49 -21.70
N ALA B 38 -10.73 -12.79 -21.35
CA ALA B 38 -11.70 -13.29 -20.41
C ALA B 38 -12.53 -14.43 -20.99
N VAL B 39 -12.78 -15.45 -20.16
CA VAL B 39 -13.57 -16.62 -20.54
C VAL B 39 -14.54 -16.89 -19.40
N GLU B 40 -15.83 -16.81 -19.69
CA GLU B 40 -16.87 -17.03 -18.69
C GLU B 40 -17.22 -18.52 -18.63
N ASN B 41 -17.87 -18.94 -17.53
CA ASN B 41 -18.26 -20.34 -17.36
C ASN B 41 -17.13 -21.22 -17.89
N ALA B 42 -15.96 -21.04 -17.29
CA ALA B 42 -14.78 -21.76 -17.74
C ALA B 42 -14.22 -22.79 -16.78
N VAL B 43 -13.15 -23.42 -17.23
CA VAL B 43 -12.50 -24.44 -16.44
C VAL B 43 -11.03 -24.56 -16.80
N ILE B 44 -10.23 -25.00 -15.85
CA ILE B 44 -8.81 -25.21 -16.08
C ILE B 44 -8.55 -26.66 -15.74
N ALA B 45 -8.00 -27.41 -16.71
CA ALA B 45 -7.66 -28.81 -16.50
C ALA B 45 -6.17 -28.85 -16.30
N VAL B 46 -5.74 -29.53 -15.24
CA VAL B 46 -4.32 -29.62 -14.93
C VAL B 46 -3.84 -31.06 -14.95
N ARG B 47 -2.61 -31.25 -15.42
CA ARG B 47 -1.99 -32.56 -15.49
C ARG B 47 -0.52 -32.41 -15.18
N ASN B 48 -0.07 -33.07 -14.12
CA ASN B 48 1.32 -33.02 -13.69
C ASN B 48 1.88 -31.60 -13.65
N GLY B 49 1.17 -30.70 -12.96
CA GLY B 49 1.61 -29.33 -12.83
C GLY B 49 1.54 -28.46 -14.07
N ARG B 50 0.90 -28.97 -15.12
CA ARG B 50 0.76 -28.26 -16.37
C ARG B 50 -0.69 -28.06 -16.77
N ILE B 51 -0.97 -26.96 -17.47
CA ILE B 51 -2.31 -26.68 -17.93
C ILE B 51 -2.58 -27.55 -19.15
N ALA B 52 -3.64 -28.36 -19.08
CA ALA B 52 -4.00 -29.22 -20.20
C ALA B 52 -5.08 -28.55 -21.03
N PHE B 53 -5.83 -27.66 -20.38
CA PHE B 53 -6.89 -26.94 -21.07
C PHE B 53 -7.35 -25.77 -20.22
N ALA B 54 -7.72 -24.68 -20.88
CA ALA B 54 -8.21 -23.50 -20.20
C ALA B 54 -9.16 -22.77 -21.14
N GLY B 55 -10.44 -22.94 -20.89
CA GLY B 55 -11.45 -22.29 -21.72
C GLY B 55 -12.85 -22.65 -21.27
N PRO B 56 -13.87 -22.41 -22.10
CA PRO B 56 -15.26 -22.72 -21.75
C PRO B 56 -15.42 -24.16 -21.29
N GLU B 57 -16.27 -24.37 -20.29
CA GLU B 57 -16.48 -25.71 -19.77
C GLU B 57 -17.19 -26.54 -20.84
N SER B 58 -17.96 -25.88 -21.70
CA SER B 58 -18.69 -26.56 -22.77
C SER B 58 -17.75 -27.11 -23.84
N ASP B 59 -16.56 -26.52 -23.96
CA ASP B 59 -15.58 -26.95 -24.95
C ASP B 59 -14.53 -27.89 -24.38
N LEU B 60 -14.64 -28.19 -23.08
CA LEU B 60 -13.70 -29.08 -22.43
C LEU B 60 -13.70 -30.44 -23.13
N PRO B 61 -12.54 -30.84 -23.70
CA PRO B 61 -12.46 -32.13 -24.40
C PRO B 61 -12.87 -33.29 -23.49
N ASP B 62 -13.33 -34.38 -24.09
CA ASP B 62 -13.79 -35.55 -23.35
C ASP B 62 -12.75 -36.27 -22.49
N ASP B 63 -11.53 -36.43 -22.99
CA ASP B 63 -10.50 -37.12 -22.22
C ASP B 63 -10.03 -36.34 -21.00
N LEU B 64 -10.53 -35.13 -20.86
CA LEU B 64 -10.18 -34.28 -19.72
C LEU B 64 -11.42 -33.90 -18.94
N SER B 65 -12.53 -34.57 -19.25
CA SER B 65 -13.79 -34.31 -18.58
C SER B 65 -13.81 -34.89 -17.16
N THR B 66 -12.78 -35.68 -16.84
CA THR B 66 -12.68 -36.29 -15.53
C THR B 66 -11.27 -36.08 -14.97
N ALA B 67 -11.16 -36.12 -13.65
CA ALA B 67 -9.87 -35.91 -12.98
C ALA B 67 -9.91 -36.48 -11.57
N ASP B 68 -8.73 -36.62 -10.96
CA ASP B 68 -8.61 -37.14 -9.61
C ASP B 68 -9.24 -36.18 -8.60
N GLU B 69 -9.20 -34.89 -8.92
CA GLU B 69 -9.76 -33.86 -8.04
C GLU B 69 -10.46 -32.77 -8.84
N THR B 70 -11.57 -32.29 -8.30
CA THR B 70 -12.34 -31.24 -8.95
C THR B 70 -12.69 -30.17 -7.93
N THR B 71 -12.36 -28.92 -8.25
CA THR B 71 -12.65 -27.82 -7.35
C THR B 71 -13.69 -26.91 -7.98
N ASP B 72 -14.77 -26.66 -7.26
CA ASP B 72 -15.84 -25.78 -7.72
C ASP B 72 -15.38 -24.39 -7.30
N CYS B 73 -14.99 -23.57 -8.27
CA CYS B 73 -14.49 -22.24 -7.98
C CYS B 73 -15.57 -21.21 -7.66
N GLY B 74 -16.82 -21.63 -7.74
CA GLY B 74 -17.93 -20.75 -7.41
C GLY B 74 -18.07 -19.50 -8.24
N GLY B 75 -17.52 -19.53 -9.46
CA GLY B 75 -17.62 -18.36 -10.32
C GLY B 75 -16.59 -17.27 -10.06
N ARG B 76 -15.59 -17.55 -9.22
CA ARG B 76 -14.58 -16.54 -8.92
C ARG B 76 -13.61 -16.34 -10.09
N TRP B 77 -12.97 -15.17 -10.13
CA TRP B 77 -12.03 -14.85 -11.17
C TRP B 77 -10.67 -15.50 -10.95
N ILE B 78 -10.12 -16.05 -12.03
CA ILE B 78 -8.80 -16.66 -11.97
C ILE B 78 -7.90 -15.96 -13.00
N THR B 79 -6.71 -15.56 -12.56
CA THR B 79 -5.76 -14.92 -13.43
C THR B 79 -4.48 -15.71 -13.36
N PRO B 80 -3.51 -15.41 -14.24
CA PRO B 80 -2.25 -16.15 -14.15
C PRO B 80 -1.68 -15.66 -12.82
N ALA B 81 -0.82 -16.45 -12.20
CA ALA B 81 -0.22 -15.99 -10.95
C ALA B 81 0.56 -14.72 -11.30
N LEU B 82 0.69 -13.80 -10.34
CA LEU B 82 1.41 -12.57 -10.61
C LEU B 82 2.92 -12.80 -10.68
N ILE B 83 3.61 -11.91 -11.38
CA ILE B 83 5.05 -12.00 -11.57
C ILE B 83 5.69 -10.66 -11.25
N ASP B 84 6.71 -10.67 -10.37
CA ASP B 84 7.43 -9.44 -10.01
C ASP B 84 8.77 -9.55 -10.74
N CYS B 85 8.85 -8.96 -11.93
CA CYS B 85 10.04 -9.06 -12.77
C CYS B 85 11.22 -8.16 -12.47
N HIS B 86 11.16 -7.39 -11.40
CA HIS B 86 12.26 -6.50 -11.07
C HIS B 86 12.31 -6.17 -9.59
N THR B 87 13.22 -6.80 -8.86
CA THR B 87 13.37 -6.53 -7.43
C THR B 87 14.81 -6.76 -7.00
N HIS B 88 15.16 -6.16 -5.86
CA HIS B 88 16.47 -6.30 -5.25
C HIS B 88 16.09 -6.84 -3.88
N LEU B 89 15.24 -7.84 -3.88
CA LEU B 89 14.70 -8.46 -2.67
C LEU B 89 15.74 -8.88 -1.62
N VAL B 90 16.94 -9.21 -2.06
CA VAL B 90 17.99 -9.64 -1.14
C VAL B 90 18.92 -8.50 -0.75
N PHE B 91 19.08 -8.31 0.55
CA PHE B 91 19.95 -7.26 1.07
C PHE B 91 19.91 -7.28 2.58
N GLY B 92 20.91 -6.67 3.20
CA GLY B 92 20.95 -6.63 4.66
C GLY B 92 20.46 -5.30 5.18
N GLY B 93 19.86 -5.31 6.38
CA GLY B 93 19.36 -4.10 7.00
C GLY B 93 18.31 -3.34 6.21
N ASN B 94 18.19 -2.05 6.49
CA ASN B 94 17.24 -1.20 5.79
C ASN B 94 17.75 0.24 5.84
N ARG B 95 17.07 1.13 5.14
CA ARG B 95 17.50 2.52 5.08
C ARG B 95 16.51 3.50 5.72
N ALA B 96 15.85 3.06 6.78
CA ALA B 96 14.88 3.89 7.47
C ALA B 96 15.56 5.09 8.14
N MET B 97 16.82 4.91 8.54
CA MET B 97 17.57 5.98 9.19
C MET B 97 17.64 7.25 8.35
N GLU B 98 18.13 7.14 7.12
CA GLU B 98 18.23 8.31 6.26
C GLU B 98 16.86 8.83 5.85
N PHE B 99 15.87 7.94 5.84
CA PHE B 99 14.50 8.30 5.50
C PHE B 99 14.05 9.35 6.54
N GLU B 100 14.25 9.01 7.80
CA GLU B 100 13.89 9.89 8.91
C GLU B 100 14.73 11.17 8.89
N MET B 101 16.03 11.03 8.66
CA MET B 101 16.91 12.19 8.61
C MET B 101 16.48 13.16 7.53
N ARG B 102 16.21 12.63 6.34
CA ARG B 102 15.78 13.48 5.22
C ARG B 102 14.55 14.29 5.59
N LEU B 103 13.58 13.63 6.23
CA LEU B 103 12.35 14.29 6.63
C LEU B 103 12.59 15.31 7.73
N ASN B 104 13.68 15.16 8.46
CA ASN B 104 14.02 16.11 9.52
C ASN B 104 14.82 17.30 8.96
N GLY B 105 14.98 17.33 7.65
CA GLY B 105 15.69 18.42 7.00
C GLY B 105 17.19 18.27 6.80
N ALA B 106 17.70 17.05 6.97
CA ALA B 106 19.13 16.80 6.80
C ALA B 106 19.57 16.95 5.34
N THR B 107 20.80 17.41 5.14
CA THR B 107 21.36 17.58 3.80
C THR B 107 21.99 16.25 3.39
N TYR B 108 22.32 16.11 2.11
CA TYR B 108 22.93 14.88 1.62
C TYR B 108 24.24 14.62 2.37
N GLU B 109 24.93 15.70 2.70
CA GLU B 109 26.20 15.61 3.41
C GLU B 109 26.03 15.05 4.82
N GLU B 110 25.08 15.62 5.57
CA GLU B 110 24.82 15.16 6.94
C GLU B 110 24.43 13.69 6.92
N ILE B 111 23.64 13.31 5.93
CA ILE B 111 23.19 11.93 5.79
C ILE B 111 24.41 11.03 5.50
N ALA B 112 25.21 11.42 4.52
CA ALA B 112 26.40 10.66 4.15
C ALA B 112 27.31 10.46 5.37
N LYS B 113 27.53 11.54 6.11
CA LYS B 113 28.38 11.47 7.30
C LYS B 113 27.79 10.51 8.33
N ALA B 114 26.47 10.38 8.35
CA ALA B 114 25.81 9.49 9.30
C ALA B 114 25.86 8.03 8.81
N GLY B 115 26.38 7.82 7.62
CA GLY B 115 26.48 6.48 7.08
C GLY B 115 25.40 6.11 6.08
N GLY B 116 24.64 7.12 5.64
CA GLY B 116 23.56 6.89 4.69
C GLY B 116 24.03 6.81 3.25
N GLY B 117 23.14 6.35 2.37
CA GLY B 117 23.49 6.21 0.98
C GLY B 117 23.56 4.74 0.65
N ILE B 118 23.71 4.40 -0.62
CA ILE B 118 23.77 3.02 -1.05
C ILE B 118 24.88 2.27 -0.30
N VAL B 119 25.89 3.00 0.15
CA VAL B 119 26.99 2.38 0.89
C VAL B 119 26.46 1.67 2.14
N SER B 120 25.37 2.17 2.69
CA SER B 120 24.77 1.57 3.87
C SER B 120 24.26 0.16 3.56
N SER B 121 23.63 0.01 2.40
CA SER B 121 23.10 -1.28 1.98
C SER B 121 24.25 -2.23 1.62
N VAL B 122 25.30 -1.68 1.02
CA VAL B 122 26.45 -2.51 0.65
C VAL B 122 27.09 -3.04 1.92
N ARG B 123 27.37 -2.15 2.87
CA ARG B 123 27.98 -2.56 4.13
C ARG B 123 27.14 -3.62 4.87
N ASP B 124 25.84 -3.37 4.97
CA ASP B 124 24.96 -4.30 5.66
C ASP B 124 24.83 -5.67 4.99
N THR B 125 24.96 -5.70 3.66
CA THR B 125 24.86 -6.96 2.94
C THR B 125 26.19 -7.74 3.02
N ARG B 126 27.30 -7.02 2.91
CA ARG B 126 28.61 -7.65 2.99
C ARG B 126 28.83 -8.28 4.36
N ALA B 127 28.25 -7.67 5.38
CA ALA B 127 28.41 -8.12 6.76
C ALA B 127 27.61 -9.35 7.18
N LEU B 128 26.59 -9.72 6.41
CA LEU B 128 25.77 -10.85 6.80
C LEU B 128 26.04 -12.17 6.09
N SER B 129 25.71 -13.26 6.77
CA SER B 129 25.89 -14.60 6.24
C SER B 129 24.70 -14.94 5.37
N ASP B 130 24.82 -16.00 4.57
CA ASP B 130 23.75 -16.42 3.69
C ASP B 130 22.53 -16.72 4.55
N GLU B 131 22.77 -17.39 5.67
CA GLU B 131 21.71 -17.77 6.60
C GLU B 131 20.90 -16.55 7.04
N VAL B 132 21.60 -15.52 7.50
CA VAL B 132 20.93 -14.31 7.96
C VAL B 132 20.23 -13.60 6.81
N LEU B 133 20.88 -13.52 5.65
CA LEU B 133 20.26 -12.86 4.50
C LEU B 133 18.96 -13.54 4.10
N VAL B 134 18.91 -14.86 4.20
CA VAL B 134 17.70 -15.59 3.87
C VAL B 134 16.63 -15.20 4.89
N ALA B 135 17.02 -15.17 6.15
CA ALA B 135 16.10 -14.81 7.23
C ALA B 135 15.47 -13.43 7.02
N GLN B 136 16.27 -12.46 6.58
CA GLN B 136 15.77 -11.11 6.35
C GLN B 136 14.96 -10.93 5.06
N ALA B 137 15.16 -11.84 4.11
CA ALA B 137 14.44 -11.76 2.84
C ALA B 137 13.11 -12.49 2.84
N LEU B 138 12.99 -13.53 3.67
CA LEU B 138 11.75 -14.30 3.71
C LEU B 138 10.50 -13.47 4.01
N PRO B 139 10.58 -12.53 4.96
CA PRO B 139 9.38 -11.72 5.24
C PRO B 139 8.94 -10.93 4.00
N ARG B 140 9.91 -10.44 3.23
CA ARG B 140 9.61 -9.69 2.01
C ARG B 140 9.03 -10.64 0.98
N LEU B 141 9.66 -11.79 0.81
CA LEU B 141 9.19 -12.81 -0.13
C LEU B 141 7.76 -13.23 0.21
N ASP B 142 7.52 -13.60 1.47
CA ASP B 142 6.19 -14.04 1.89
C ASP B 142 5.10 -12.99 1.68
N THR B 143 5.46 -11.72 1.77
CA THR B 143 4.48 -10.67 1.57
C THR B 143 4.04 -10.71 0.11
N LEU B 144 4.99 -10.88 -0.81
CA LEU B 144 4.66 -10.96 -2.23
C LEU B 144 3.86 -12.22 -2.52
N LEU B 145 4.30 -13.35 -1.97
CA LEU B 145 3.60 -14.61 -2.20
C LEU B 145 2.15 -14.52 -1.71
N SER B 146 1.93 -13.84 -0.59
CA SER B 146 0.58 -13.71 -0.04
C SER B 146 -0.36 -12.96 -0.98
N GLU B 147 0.20 -12.28 -1.98
CA GLU B 147 -0.61 -11.54 -2.94
C GLU B 147 -0.76 -12.27 -4.27
N GLY B 148 -0.40 -13.54 -4.33
CA GLY B 148 -0.57 -14.28 -5.56
C GLY B 148 0.63 -14.31 -6.49
N VAL B 149 1.77 -13.81 -6.02
CA VAL B 149 2.99 -13.81 -6.83
C VAL B 149 3.59 -15.22 -6.83
N SER B 150 3.95 -15.73 -8.00
CA SER B 150 4.52 -17.07 -8.09
C SER B 150 5.93 -17.05 -8.68
N THR B 151 6.26 -15.97 -9.38
CA THR B 151 7.59 -15.84 -9.97
C THR B 151 8.16 -14.48 -9.60
N ILE B 152 9.43 -14.46 -9.19
CA ILE B 152 10.08 -13.22 -8.77
C ILE B 152 11.51 -13.14 -9.26
N GLU B 153 11.90 -11.99 -9.79
CA GLU B 153 13.28 -11.79 -10.23
C GLU B 153 14.02 -11.09 -9.10
N ILE B 154 15.21 -11.59 -8.79
CA ILE B 154 16.03 -11.00 -7.73
C ILE B 154 17.40 -10.65 -8.27
N LYS B 155 17.81 -9.40 -8.07
CA LYS B 155 19.09 -8.92 -8.56
C LYS B 155 20.16 -8.90 -7.48
N SER B 156 21.41 -8.74 -7.90
CA SER B 156 22.51 -8.63 -6.96
C SER B 156 22.75 -7.12 -6.94
N GLY B 157 23.99 -6.67 -6.78
CA GLY B 157 24.20 -5.23 -6.81
C GLY B 157 24.40 -4.52 -5.49
N TYR B 158 24.39 -5.24 -4.38
CA TYR B 158 24.63 -4.61 -3.08
C TYR B 158 25.91 -5.19 -2.47
N GLY B 159 26.73 -5.80 -3.33
CA GLY B 159 27.98 -6.38 -2.89
C GLY B 159 29.16 -5.57 -3.41
N LEU B 160 29.12 -5.25 -4.69
CA LEU B 160 30.15 -4.47 -5.35
C LEU B 160 31.55 -5.09 -5.24
N ASP B 161 31.56 -6.41 -5.06
CA ASP B 161 32.79 -7.20 -4.99
C ASP B 161 32.33 -8.61 -5.33
N ILE B 162 33.21 -9.41 -5.92
CA ILE B 162 32.83 -10.76 -6.31
C ILE B 162 32.20 -11.59 -5.20
N GLU B 163 32.88 -11.68 -4.06
CA GLU B 163 32.40 -12.47 -2.94
C GLU B 163 30.94 -12.21 -2.56
N THR B 164 30.60 -10.95 -2.38
CA THR B 164 29.25 -10.56 -1.98
C THR B 164 28.21 -10.68 -3.09
N GLU B 165 28.59 -10.28 -4.31
CA GLU B 165 27.67 -10.38 -5.43
C GLU B 165 27.19 -11.82 -5.57
N LEU B 166 28.12 -12.76 -5.45
CA LEU B 166 27.80 -14.18 -5.57
C LEU B 166 26.94 -14.66 -4.40
N LYS B 167 27.26 -14.18 -3.21
CA LYS B 167 26.51 -14.56 -2.01
C LYS B 167 25.03 -14.18 -2.18
N MET B 168 24.78 -13.01 -2.77
CA MET B 168 23.41 -12.56 -2.98
C MET B 168 22.64 -13.51 -3.90
N LEU B 169 23.32 -14.02 -4.92
CA LEU B 169 22.68 -14.94 -5.86
C LEU B 169 22.41 -16.31 -5.21
N ARG B 170 23.34 -16.76 -4.38
CA ARG B 170 23.15 -18.04 -3.71
C ARG B 170 21.94 -17.94 -2.80
N VAL B 171 21.80 -16.80 -2.12
CA VAL B 171 20.67 -16.58 -1.22
C VAL B 171 19.35 -16.64 -1.99
N ALA B 172 19.32 -16.05 -3.19
CA ALA B 172 18.12 -16.07 -4.02
C ALA B 172 17.78 -17.50 -4.41
N ARG B 173 18.78 -18.25 -4.87
CA ARG B 173 18.58 -19.63 -5.27
C ARG B 173 18.05 -20.42 -4.06
N ARG B 174 18.62 -20.16 -2.90
CA ARG B 174 18.20 -20.84 -1.68
C ARG B 174 16.74 -20.57 -1.34
N LEU B 175 16.31 -19.31 -1.48
CA LEU B 175 14.92 -18.95 -1.19
C LEU B 175 13.95 -19.82 -1.95
N GLU B 176 14.30 -20.13 -3.20
CA GLU B 176 13.45 -20.95 -4.06
C GLU B 176 13.24 -22.35 -3.50
N THR B 177 14.16 -22.81 -2.65
CA THR B 177 14.06 -24.15 -2.07
C THR B 177 13.25 -24.16 -0.77
N LEU B 178 12.88 -22.97 -0.28
CA LEU B 178 12.14 -22.87 0.98
C LEU B 178 10.68 -22.47 0.81
N ARG B 179 10.29 -22.12 -0.40
CA ARG B 179 8.92 -21.70 -0.67
C ARG B 179 8.49 -22.10 -2.07
N PRO B 180 7.18 -22.29 -2.28
CA PRO B 180 6.64 -22.67 -3.58
C PRO B 180 6.63 -21.42 -4.47
N VAL B 181 7.78 -21.13 -5.08
CA VAL B 181 7.95 -19.95 -5.92
C VAL B 181 9.02 -20.19 -6.98
N ARG B 182 8.91 -19.47 -8.09
CA ARG B 182 9.91 -19.59 -9.14
C ARG B 182 10.77 -18.34 -9.05
N ILE B 183 12.07 -18.51 -8.90
CA ILE B 183 12.97 -17.39 -8.80
C ILE B 183 14.03 -17.35 -9.89
N VAL B 184 14.18 -16.19 -10.52
CA VAL B 184 15.19 -16.01 -11.55
C VAL B 184 16.10 -14.91 -11.04
N THR B 185 17.39 -15.04 -11.33
CA THR B 185 18.37 -14.06 -10.86
C THR B 185 19.04 -13.24 -11.94
N SER B 186 19.51 -12.06 -11.55
CA SER B 186 20.22 -11.16 -12.45
C SER B 186 21.48 -10.66 -11.76
N TYR B 187 22.60 -10.76 -12.47
CA TYR B 187 23.90 -10.32 -11.96
C TYR B 187 23.95 -8.81 -12.16
N LEU B 188 24.05 -8.06 -11.06
CA LEU B 188 24.08 -6.60 -11.16
C LEU B 188 25.28 -5.94 -10.47
N ALA B 189 26.47 -6.48 -10.71
CA ALA B 189 27.67 -5.90 -10.13
C ALA B 189 27.86 -4.50 -10.72
N ALA B 190 27.38 -4.31 -11.95
CA ALA B 190 27.49 -3.02 -12.60
C ALA B 190 26.37 -2.11 -12.09
N HIS B 191 26.26 -2.03 -10.77
CA HIS B 191 25.23 -1.21 -10.12
C HIS B 191 25.82 0.14 -9.72
N ALA B 192 26.97 0.11 -9.06
CA ALA B 192 27.64 1.33 -8.63
C ALA B 192 29.13 1.06 -8.43
N THR B 193 29.90 2.14 -8.32
CA THR B 193 31.34 2.01 -8.13
C THR B 193 31.68 2.09 -6.64
N PRO B 194 32.34 1.06 -6.10
CA PRO B 194 32.73 1.01 -4.68
C PRO B 194 33.73 2.11 -4.37
N ALA B 195 33.86 2.44 -3.09
CA ALA B 195 34.79 3.49 -2.68
C ALA B 195 36.21 3.18 -3.17
N ASP B 196 36.63 1.93 -3.00
CA ASP B 196 37.96 1.48 -3.41
C ASP B 196 38.25 1.54 -4.91
N TYR B 197 37.26 1.90 -5.72
CA TYR B 197 37.43 2.01 -7.17
C TYR B 197 36.92 3.35 -7.70
N LYS B 198 36.73 4.31 -6.81
CA LYS B 198 36.24 5.63 -7.19
C LYS B 198 37.02 6.24 -8.36
N GLY B 199 36.28 6.81 -9.31
CA GLY B 199 36.90 7.42 -10.46
C GLY B 199 37.60 6.46 -11.39
N ARG B 200 37.43 5.17 -11.13
CA ARG B 200 38.05 4.13 -11.94
C ARG B 200 37.03 3.08 -12.36
N ASN B 201 35.99 3.53 -13.06
CA ASN B 201 34.93 2.63 -13.52
C ASN B 201 35.48 1.49 -14.36
N ALA B 202 36.39 1.81 -15.28
CA ALA B 202 36.99 0.81 -16.14
C ALA B 202 37.67 -0.30 -15.33
N ASP B 203 38.50 0.09 -14.36
CA ASP B 203 39.19 -0.89 -13.54
C ASP B 203 38.21 -1.74 -12.74
N TYR B 204 37.11 -1.14 -12.32
CA TYR B 204 36.08 -1.86 -11.55
C TYR B 204 35.47 -2.95 -12.43
N ILE B 205 35.17 -2.59 -13.68
CA ILE B 205 34.58 -3.55 -14.60
C ILE B 205 35.58 -4.67 -14.92
N THR B 206 36.84 -4.29 -15.08
CA THR B 206 37.90 -5.26 -15.39
C THR B 206 38.17 -6.20 -14.23
N ASP B 207 38.32 -5.62 -13.04
CA ASP B 207 38.63 -6.42 -11.85
C ASP B 207 37.45 -7.08 -11.16
N VAL B 208 36.30 -6.41 -11.12
CA VAL B 208 35.15 -6.97 -10.42
C VAL B 208 33.98 -7.47 -11.24
N VAL B 209 33.39 -6.60 -12.05
CA VAL B 209 32.22 -6.96 -12.84
C VAL B 209 32.37 -8.13 -13.79
N LEU B 210 33.38 -8.11 -14.65
CA LEU B 210 33.58 -9.20 -15.61
C LEU B 210 33.98 -10.53 -14.97
N PRO B 211 35.04 -10.54 -14.16
CA PRO B 211 35.38 -11.84 -13.57
C PRO B 211 34.27 -12.35 -12.65
N GLY B 212 33.48 -11.42 -12.11
CA GLY B 212 32.39 -11.83 -11.24
C GLY B 212 31.33 -12.53 -12.07
N LEU B 213 31.09 -11.99 -13.26
CA LEU B 213 30.12 -12.57 -14.17
C LEU B 213 30.49 -14.00 -14.55
N GLU B 214 31.75 -14.20 -14.93
CA GLU B 214 32.20 -15.53 -15.33
C GLU B 214 32.01 -16.53 -14.18
N LYS B 215 32.34 -16.11 -12.97
CA LYS B 215 32.21 -16.98 -11.81
C LYS B 215 30.76 -17.30 -11.48
N ALA B 216 29.90 -16.29 -11.56
CA ALA B 216 28.48 -16.48 -11.27
C ALA B 216 27.89 -17.46 -12.28
N HIS B 217 28.25 -17.29 -13.54
CA HIS B 217 27.77 -18.15 -14.60
C HIS B 217 28.28 -19.59 -14.42
N ALA B 218 29.55 -19.72 -14.06
CA ALA B 218 30.15 -21.03 -13.85
C ALA B 218 29.45 -21.74 -12.69
N GLU B 219 29.04 -20.95 -11.69
CA GLU B 219 28.35 -21.49 -10.52
C GLU B 219 26.88 -21.72 -10.81
N GLY B 220 26.42 -21.22 -11.96
CA GLY B 220 25.03 -21.39 -12.34
C GLY B 220 24.10 -20.56 -11.46
N LEU B 221 24.61 -19.45 -10.95
CA LEU B 221 23.85 -18.57 -10.07
C LEU B 221 23.19 -17.39 -10.78
N ALA B 222 23.50 -17.19 -12.05
CA ALA B 222 22.94 -16.06 -12.78
C ALA B 222 22.15 -16.40 -14.03
N ASP B 223 20.90 -15.96 -14.07
CA ASP B 223 20.03 -16.22 -15.22
C ASP B 223 20.13 -15.11 -16.25
N ALA B 224 20.56 -13.93 -15.81
CA ALA B 224 20.70 -12.79 -16.70
C ALA B 224 21.72 -11.79 -16.16
N VAL B 225 22.02 -10.77 -16.95
CA VAL B 225 22.98 -9.73 -16.56
C VAL B 225 22.29 -8.38 -16.65
N ASP B 226 22.39 -7.60 -15.57
CA ASP B 226 21.74 -6.30 -15.49
C ASP B 226 22.81 -5.21 -15.37
N GLY B 227 22.38 -3.95 -15.37
CA GLY B 227 23.32 -2.85 -15.27
C GLY B 227 22.60 -1.55 -15.00
N PHE B 228 23.35 -0.53 -14.60
CA PHE B 228 22.79 0.77 -14.31
C PHE B 228 23.48 1.79 -15.20
N CYS B 229 22.80 2.17 -16.28
CA CYS B 229 23.33 3.14 -17.24
C CYS B 229 22.76 4.51 -16.88
N GLU B 230 23.57 5.33 -16.22
CA GLU B 230 23.14 6.66 -15.82
C GLU B 230 24.33 7.60 -15.63
N GLY B 231 24.07 8.90 -15.64
CA GLY B 231 25.13 9.88 -15.46
C GLY B 231 25.89 9.69 -14.16
N ILE B 232 25.18 9.23 -13.13
CA ILE B 232 25.80 9.00 -11.82
C ILE B 232 26.37 7.59 -11.65
N ALA B 233 26.27 6.75 -12.69
CA ALA B 233 26.80 5.38 -12.64
C ALA B 233 27.72 5.06 -13.80
N PHE B 234 27.28 4.13 -14.65
CA PHE B 234 28.06 3.70 -15.79
C PHE B 234 27.53 4.24 -17.11
N SER B 235 28.44 4.57 -18.01
CA SER B 235 28.09 5.11 -19.32
C SER B 235 27.63 4.00 -20.26
N VAL B 236 27.10 4.41 -21.40
CA VAL B 236 26.66 3.46 -22.42
C VAL B 236 27.82 2.57 -22.85
N LYS B 237 28.99 3.17 -23.01
CA LYS B 237 30.18 2.44 -23.43
C LYS B 237 30.62 1.43 -22.37
N GLU B 238 30.46 1.78 -21.10
CA GLU B 238 30.85 0.89 -20.01
C GLU B 238 29.91 -0.31 -19.90
N ILE B 239 28.61 -0.05 -20.02
CA ILE B 239 27.62 -1.12 -19.96
C ILE B 239 27.76 -1.99 -21.20
N ASP B 240 28.10 -1.37 -22.32
CA ASP B 240 28.27 -2.10 -23.57
C ASP B 240 29.32 -3.19 -23.39
N ARG B 241 30.33 -2.87 -22.59
CA ARG B 241 31.44 -3.79 -22.32
C ARG B 241 30.94 -5.00 -21.53
N VAL B 242 29.97 -4.77 -20.65
CA VAL B 242 29.40 -5.84 -19.83
C VAL B 242 28.45 -6.71 -20.65
N PHE B 243 27.63 -6.07 -21.49
CA PHE B 243 26.70 -6.82 -22.32
C PHE B 243 27.42 -7.71 -23.33
N ALA B 244 28.53 -7.22 -23.86
CA ALA B 244 29.32 -7.98 -24.82
C ALA B 244 29.79 -9.28 -24.16
N ALA B 245 30.25 -9.16 -22.92
CA ALA B 245 30.74 -10.32 -22.17
C ALA B 245 29.62 -11.32 -21.87
N ALA B 246 28.44 -10.81 -21.52
CA ALA B 246 27.30 -11.66 -21.22
C ALA B 246 26.81 -12.36 -22.49
N GLN B 247 26.76 -11.61 -23.58
CA GLN B 247 26.29 -12.14 -24.84
C GLN B 247 27.15 -13.33 -25.29
N GLN B 248 28.46 -13.23 -25.08
CA GLN B 248 29.37 -14.31 -25.48
C GLN B 248 29.15 -15.58 -24.68
N ARG B 249 28.53 -15.46 -23.52
CA ARG B 249 28.26 -16.61 -22.67
C ARG B 249 26.84 -17.13 -22.87
N GLY B 250 26.08 -16.43 -23.71
CA GLY B 250 24.70 -16.84 -23.96
C GLY B 250 23.73 -16.33 -22.91
N LEU B 251 24.17 -15.38 -22.10
CA LEU B 251 23.31 -14.84 -21.05
C LEU B 251 22.51 -13.64 -21.56
N PRO B 252 21.19 -13.64 -21.31
CA PRO B 252 20.36 -12.53 -21.75
C PRO B 252 20.70 -11.32 -20.90
N VAL B 253 20.40 -10.12 -21.38
CA VAL B 253 20.71 -8.93 -20.62
C VAL B 253 19.49 -8.04 -20.41
N LYS B 254 19.59 -7.14 -19.44
CA LYS B 254 18.54 -6.19 -19.12
C LYS B 254 19.25 -4.96 -18.57
N LEU B 255 18.53 -3.85 -18.43
CA LEU B 255 19.19 -2.65 -17.96
C LEU B 255 18.31 -1.59 -17.30
N HIS B 256 18.84 -0.97 -16.24
CA HIS B 256 18.16 0.12 -15.55
C HIS B 256 18.54 1.28 -16.48
N ALA B 257 17.56 1.85 -17.18
CA ALA B 257 17.86 2.93 -18.11
C ALA B 257 16.91 4.11 -18.07
N GLU B 258 17.43 5.26 -18.48
CA GLU B 258 16.68 6.52 -18.53
C GLU B 258 15.89 6.81 -17.26
N GLN B 259 16.43 6.44 -16.11
CA GLN B 259 15.73 6.70 -14.85
C GLN B 259 15.89 8.14 -14.39
N LEU B 260 17.11 8.67 -14.51
CA LEU B 260 17.39 10.03 -14.07
C LEU B 260 17.76 10.99 -15.19
N SER B 261 17.85 10.48 -16.41
CA SER B 261 18.17 11.29 -17.57
C SER B 261 18.16 10.43 -18.84
N ASN B 262 18.24 11.08 -19.99
CA ASN B 262 18.24 10.37 -21.27
C ASN B 262 19.66 10.21 -21.80
N LEU B 263 20.22 9.02 -21.64
CA LEU B 263 21.58 8.71 -22.08
C LEU B 263 21.65 7.80 -23.30
N GLY B 264 20.58 7.03 -23.52
CA GLY B 264 20.58 6.12 -24.66
C GLY B 264 20.74 4.69 -24.16
N GLY B 265 20.60 4.50 -22.86
CA GLY B 265 20.72 3.18 -22.28
C GLY B 265 19.67 2.25 -22.88
N ALA B 266 18.50 2.81 -23.18
CA ALA B 266 17.42 2.04 -23.76
C ALA B 266 17.79 1.52 -25.15
N GLU B 267 18.35 2.40 -25.97
CA GLU B 267 18.74 2.02 -27.32
C GLU B 267 19.86 0.98 -27.29
N LEU B 268 20.71 1.04 -26.27
CA LEU B 268 21.79 0.08 -26.12
C LEU B 268 21.21 -1.30 -25.83
N ALA B 269 20.29 -1.36 -24.87
CA ALA B 269 19.66 -2.62 -24.50
C ALA B 269 18.93 -3.21 -25.71
N ALA B 270 18.23 -2.36 -26.46
CA ALA B 270 17.50 -2.82 -27.64
C ALA B 270 18.44 -3.38 -28.69
N SER B 271 19.66 -2.84 -28.78
CA SER B 271 20.62 -3.31 -29.78
C SER B 271 21.17 -4.69 -29.42
N TYR B 272 21.01 -5.07 -28.15
CA TYR B 272 21.46 -6.37 -27.67
C TYR B 272 20.25 -7.30 -27.47
N ASN B 273 19.10 -6.87 -27.99
CA ASN B 273 17.87 -7.63 -27.85
C ASN B 273 17.68 -8.01 -26.38
N ALA B 274 17.82 -7.00 -25.53
CA ALA B 274 17.68 -7.18 -24.10
C ALA B 274 16.26 -7.65 -23.76
N LEU B 275 16.13 -8.39 -22.66
CA LEU B 275 14.83 -8.87 -22.21
C LEU B 275 13.95 -7.70 -21.82
N SER B 276 14.58 -6.67 -21.24
CA SER B 276 13.84 -5.49 -20.82
C SER B 276 14.76 -4.31 -20.55
N ALA B 277 14.14 -3.14 -20.43
CA ALA B 277 14.77 -1.87 -20.09
C ALA B 277 13.87 -1.38 -18.97
N ASP B 278 14.45 -1.06 -17.81
CA ASP B 278 13.66 -0.68 -16.65
C ASP B 278 13.75 0.79 -16.17
N HIS B 279 12.65 1.33 -15.65
CA HIS B 279 12.49 2.73 -15.16
C HIS B 279 12.00 3.58 -16.33
N LEU B 280 12.93 3.98 -17.21
CA LEU B 280 12.60 4.73 -18.42
C LEU B 280 11.90 6.07 -18.28
N GLU B 281 12.05 6.74 -17.15
CA GLU B 281 11.41 8.03 -16.97
C GLU B 281 11.74 9.00 -18.12
N TYR B 282 13.01 9.04 -18.51
CA TYR B 282 13.46 9.95 -19.56
C TYR B 282 13.60 9.36 -20.96
N LEU B 283 12.88 8.28 -21.22
CA LEU B 283 12.92 7.62 -22.52
C LEU B 283 12.30 8.52 -23.57
N ASP B 284 12.90 8.58 -24.76
CA ASP B 284 12.35 9.41 -25.82
C ASP B 284 11.66 8.54 -26.88
N GLU B 285 10.93 9.20 -27.78
CA GLU B 285 10.20 8.53 -28.84
C GLU B 285 11.07 7.56 -29.63
N THR B 286 12.30 7.97 -29.91
CA THR B 286 13.23 7.12 -30.66
C THR B 286 13.51 5.84 -29.89
N GLY B 287 13.79 5.98 -28.59
CA GLY B 287 14.08 4.83 -27.76
C GLY B 287 12.90 3.89 -27.65
N ALA B 288 11.70 4.44 -27.55
CA ALA B 288 10.49 3.62 -27.44
C ALA B 288 10.32 2.74 -28.67
N LYS B 289 10.55 3.31 -29.85
CA LYS B 289 10.42 2.57 -31.09
C LYS B 289 11.49 1.48 -31.16
N ALA B 290 12.67 1.78 -30.64
CA ALA B 290 13.77 0.82 -30.65
C ALA B 290 13.43 -0.40 -29.78
N LEU B 291 12.84 -0.14 -28.62
CA LEU B 291 12.47 -1.21 -27.71
C LEU B 291 11.41 -2.11 -28.32
N ALA B 292 10.41 -1.49 -28.93
CA ALA B 292 9.31 -2.23 -29.56
C ALA B 292 9.81 -3.08 -30.71
N LYS B 293 10.74 -2.53 -31.48
CA LYS B 293 11.30 -3.24 -32.63
C LYS B 293 12.10 -4.46 -32.15
N ALA B 294 12.91 -4.27 -31.13
CA ALA B 294 13.74 -5.33 -30.57
C ALA B 294 12.93 -6.35 -29.77
N GLY B 295 11.72 -5.96 -29.37
CA GLY B 295 10.89 -6.86 -28.59
C GLY B 295 11.32 -6.81 -27.12
N THR B 296 11.96 -5.72 -26.73
CA THR B 296 12.43 -5.53 -25.37
C THR B 296 11.30 -4.92 -24.56
N VAL B 297 10.96 -5.57 -23.46
CA VAL B 297 9.87 -5.09 -22.61
C VAL B 297 10.25 -3.85 -21.81
N ALA B 298 9.35 -2.89 -21.76
CA ALA B 298 9.57 -1.66 -21.02
C ALA B 298 9.01 -1.89 -19.62
N VAL B 299 9.89 -1.95 -18.63
CA VAL B 299 9.46 -2.17 -17.25
C VAL B 299 9.38 -0.84 -16.49
N LEU B 300 8.16 -0.45 -16.11
CA LEU B 300 7.96 0.78 -15.37
C LEU B 300 7.91 0.44 -13.89
N LEU B 301 8.49 1.30 -13.07
CA LEU B 301 8.58 1.07 -11.63
C LEU B 301 8.01 2.26 -10.84
N PRO B 302 6.68 2.27 -10.63
CA PRO B 302 6.00 3.34 -9.90
C PRO B 302 6.44 3.56 -8.46
N GLY B 303 6.92 2.51 -7.80
CA GLY B 303 7.37 2.63 -6.43
C GLY B 303 8.53 3.60 -6.25
N ALA B 304 9.53 3.50 -7.13
CA ALA B 304 10.69 4.37 -7.09
C ALA B 304 10.29 5.79 -7.47
N PHE B 305 9.41 5.88 -8.46
CA PHE B 305 8.91 7.16 -8.94
C PHE B 305 8.26 7.89 -7.75
N TYR B 306 7.37 7.19 -7.06
CA TYR B 306 6.66 7.70 -5.90
C TYR B 306 7.60 8.08 -4.76
N ALA B 307 8.44 7.14 -4.34
CA ALA B 307 9.35 7.38 -3.22
C ALA B 307 10.38 8.48 -3.48
N LEU B 308 10.84 8.60 -4.72
CA LEU B 308 11.84 9.61 -5.06
C LEU B 308 11.26 10.98 -5.37
N ARG B 309 9.94 11.10 -5.31
CA ARG B 309 9.31 12.38 -5.61
C ARG B 309 9.66 12.83 -7.02
N GLU B 310 9.79 11.87 -7.92
CA GLU B 310 10.13 12.17 -9.31
C GLU B 310 8.97 12.95 -9.97
N LYS B 311 9.31 13.83 -10.92
CA LYS B 311 8.32 14.64 -11.61
C LYS B 311 8.17 14.24 -13.08
N GLN B 312 9.23 13.69 -13.67
CA GLN B 312 9.20 13.27 -15.06
C GLN B 312 8.54 11.92 -15.21
N LEU B 313 7.37 11.90 -15.83
CA LEU B 313 6.65 10.65 -16.04
C LEU B 313 7.20 9.88 -17.23
N PRO B 314 7.18 8.54 -17.16
CA PRO B 314 7.70 7.75 -18.27
C PRO B 314 6.74 7.99 -19.45
N PRO B 315 7.22 7.87 -20.68
CA PRO B 315 6.40 8.10 -21.88
C PRO B 315 5.42 6.99 -22.24
N VAL B 316 4.41 6.78 -21.39
CA VAL B 316 3.42 5.74 -21.63
C VAL B 316 2.78 5.81 -23.02
N GLN B 317 2.29 6.98 -23.42
CA GLN B 317 1.65 7.07 -24.73
C GLN B 317 2.61 6.77 -25.88
N ALA B 318 3.87 7.21 -25.76
CA ALA B 318 4.86 6.95 -26.80
C ALA B 318 5.13 5.45 -26.86
N LEU B 319 5.11 4.79 -25.71
CA LEU B 319 5.33 3.36 -25.67
C LEU B 319 4.13 2.68 -26.33
N ARG B 320 2.94 3.21 -26.06
CA ARG B 320 1.71 2.67 -26.64
C ARG B 320 1.73 2.81 -28.16
N ASP B 321 2.11 4.00 -28.63
CA ASP B 321 2.14 4.27 -30.07
C ASP B 321 3.17 3.43 -30.81
N ALA B 322 4.30 3.18 -30.17
CA ALA B 322 5.38 2.39 -30.77
C ALA B 322 5.00 0.91 -30.79
N GLY B 323 4.06 0.54 -29.91
CA GLY B 323 3.65 -0.84 -29.83
C GLY B 323 4.54 -1.61 -28.88
N ALA B 324 5.16 -0.91 -27.94
CA ALA B 324 6.04 -1.55 -26.98
C ALA B 324 5.20 -2.19 -25.88
N GLU B 325 5.72 -3.25 -25.26
CA GLU B 325 5.00 -3.93 -24.19
C GLU B 325 5.44 -3.37 -22.85
N ILE B 326 4.48 -3.02 -22.00
CA ILE B 326 4.79 -2.47 -20.69
C ILE B 326 4.58 -3.46 -19.56
N ALA B 327 5.55 -3.55 -18.66
CA ALA B 327 5.47 -4.41 -17.50
C ALA B 327 5.58 -3.49 -16.28
N LEU B 328 5.12 -3.97 -15.13
CA LEU B 328 5.17 -3.21 -13.88
C LEU B 328 5.80 -4.10 -12.81
N ALA B 329 6.64 -3.51 -11.96
CA ALA B 329 7.30 -4.25 -10.89
C ALA B 329 7.45 -3.38 -9.64
N THR B 330 7.67 -4.02 -8.50
CA THR B 330 7.83 -3.30 -7.24
C THR B 330 9.19 -2.61 -7.10
N ASP B 331 10.21 -3.17 -7.74
CA ASP B 331 11.59 -2.67 -7.65
C ASP B 331 11.96 -2.68 -6.18
N CYS B 332 11.44 -3.66 -5.45
CA CYS B 332 11.71 -3.78 -4.03
C CYS B 332 13.19 -3.68 -3.69
N ASN B 333 13.54 -2.60 -3.01
CA ASN B 333 14.91 -2.33 -2.58
C ASN B 333 14.83 -1.33 -1.42
N PRO B 334 15.80 -1.36 -0.50
CA PRO B 334 15.84 -0.47 0.67
C PRO B 334 16.09 1.02 0.43
N GLY B 335 16.71 1.38 -0.68
CA GLY B 335 17.03 2.77 -0.91
C GLY B 335 16.10 3.66 -1.71
N THR B 336 15.43 3.10 -2.72
CA THR B 336 14.56 3.94 -3.53
C THR B 336 13.12 3.44 -3.69
N SER B 337 12.84 2.21 -3.26
CA SER B 337 11.50 1.66 -3.39
C SER B 337 11.27 0.50 -2.43
N PRO B 338 11.16 0.80 -1.13
CA PRO B 338 10.94 -0.26 -0.12
C PRO B 338 9.48 -0.72 -0.20
N LEU B 339 9.11 -1.18 -1.40
CA LEU B 339 7.77 -1.65 -1.73
C LEU B 339 7.68 -3.17 -1.86
N THR B 340 6.75 -3.77 -1.13
CA THR B 340 6.57 -5.23 -1.17
C THR B 340 5.18 -5.66 -1.60
N SER B 341 4.47 -4.80 -2.32
CA SER B 341 3.13 -5.13 -2.79
C SER B 341 2.98 -4.91 -4.29
N LEU B 342 2.75 -6.00 -5.02
CA LEU B 342 2.58 -5.89 -6.46
C LEU B 342 1.15 -5.40 -6.74
N LEU B 343 0.23 -5.67 -5.83
CA LEU B 343 -1.14 -5.19 -6.02
C LEU B 343 -1.11 -3.66 -6.00
N LEU B 344 -0.39 -3.12 -5.03
CA LEU B 344 -0.25 -1.66 -4.89
C LEU B 344 0.49 -1.11 -6.10
N THR B 345 1.46 -1.86 -6.59
CA THR B 345 2.22 -1.44 -7.75
C THR B 345 1.26 -1.17 -8.91
N MET B 346 0.30 -2.07 -9.13
CA MET B 346 -0.66 -1.88 -10.22
C MET B 346 -1.53 -0.66 -9.95
N ASN B 347 -1.94 -0.45 -8.70
CA ASN B 347 -2.75 0.71 -8.39
C ASN B 347 -1.94 1.97 -8.68
N MET B 348 -0.64 1.93 -8.41
CA MET B 348 0.21 3.10 -8.66
C MET B 348 0.43 3.29 -10.17
N GLY B 349 0.48 2.19 -10.91
CA GLY B 349 0.67 2.28 -12.35
C GLY B 349 -0.51 3.02 -12.97
N ALA B 350 -1.71 2.71 -12.50
CA ALA B 350 -2.91 3.35 -13.01
C ALA B 350 -2.99 4.79 -12.52
N THR B 351 -2.88 4.98 -11.21
CA THR B 351 -2.98 6.29 -10.59
C THR B 351 -1.91 7.29 -11.00
N LEU B 352 -0.65 6.87 -10.96
CA LEU B 352 0.45 7.77 -11.30
C LEU B 352 0.84 7.81 -12.77
N PHE B 353 0.85 6.65 -13.44
CA PHE B 353 1.24 6.61 -14.85
C PHE B 353 0.04 6.57 -15.81
N ARG B 354 -1.17 6.54 -15.26
CA ARG B 354 -2.40 6.53 -16.05
C ARG B 354 -2.55 5.34 -16.98
N MET B 355 -1.97 4.21 -16.60
CA MET B 355 -2.09 3.00 -17.40
C MET B 355 -3.51 2.48 -17.19
N THR B 356 -4.06 1.80 -18.19
CA THR B 356 -5.42 1.28 -18.08
C THR B 356 -5.44 0.00 -17.25
N VAL B 357 -6.63 -0.40 -16.80
CA VAL B 357 -6.76 -1.62 -16.02
C VAL B 357 -6.20 -2.80 -16.81
N GLU B 358 -6.52 -2.85 -18.10
CA GLU B 358 -6.04 -3.94 -18.94
C GLU B 358 -4.50 -3.95 -18.97
N GLU B 359 -3.91 -2.77 -19.11
CA GLU B 359 -2.46 -2.64 -19.14
C GLU B 359 -1.81 -3.07 -17.82
N CYS B 360 -2.40 -2.67 -16.70
CA CYS B 360 -1.85 -3.03 -15.40
C CYS B 360 -1.87 -4.53 -15.14
N LEU B 361 -2.96 -5.19 -15.51
CA LEU B 361 -3.06 -6.64 -15.31
C LEU B 361 -2.09 -7.39 -16.23
N THR B 362 -1.99 -6.93 -17.47
CA THR B 362 -1.07 -7.55 -18.42
C THR B 362 0.38 -7.30 -17.99
N ALA B 363 0.60 -6.15 -17.35
CA ALA B 363 1.92 -5.75 -16.89
C ALA B 363 2.52 -6.63 -15.80
N THR B 364 1.67 -7.31 -15.01
CA THR B 364 2.19 -8.14 -13.94
C THR B 364 2.00 -9.63 -14.22
N THR B 365 1.63 -9.95 -15.45
CA THR B 365 1.43 -11.33 -15.82
C THR B 365 2.14 -11.65 -17.13
N ARG B 366 1.46 -11.49 -18.26
CA ARG B 366 2.05 -11.80 -19.55
C ARG B 366 3.34 -11.04 -19.88
N ASN B 367 3.30 -9.72 -19.77
CA ASN B 367 4.48 -8.92 -20.08
C ASN B 367 5.61 -9.09 -19.08
N ALA B 368 5.25 -9.41 -17.84
CA ALA B 368 6.24 -9.61 -16.80
C ALA B 368 6.97 -10.92 -17.08
N ALA B 369 6.24 -11.90 -17.58
CA ALA B 369 6.85 -13.19 -17.90
C ALA B 369 7.80 -12.97 -19.09
N LYS B 370 7.36 -12.13 -20.02
CA LYS B 370 8.16 -11.85 -21.20
C LYS B 370 9.47 -11.15 -20.82
N ALA B 371 9.37 -10.20 -19.88
CA ALA B 371 10.54 -9.44 -19.42
C ALA B 371 11.56 -10.37 -18.76
N LEU B 372 11.11 -11.55 -18.37
CA LEU B 372 12.02 -12.51 -17.75
C LEU B 372 12.35 -13.65 -18.69
N GLY B 373 11.85 -13.58 -19.91
CA GLY B 373 12.09 -14.62 -20.90
C GLY B 373 11.44 -15.94 -20.54
N LEU B 374 10.35 -15.88 -19.80
CA LEU B 374 9.63 -17.08 -19.36
C LEU B 374 8.21 -17.21 -19.93
N LEU B 375 7.88 -16.41 -20.94
CA LEU B 375 6.53 -16.46 -21.49
C LEU B 375 6.09 -17.84 -21.97
N ALA B 376 7.02 -18.65 -22.45
CA ALA B 376 6.67 -19.99 -22.92
C ALA B 376 6.39 -20.92 -21.75
N GLU B 377 6.88 -20.54 -20.58
CA GLU B 377 6.71 -21.35 -19.37
C GLU B 377 5.55 -20.92 -18.48
N THR B 378 5.32 -19.61 -18.36
CA THR B 378 4.27 -19.16 -17.47
C THR B 378 3.81 -17.76 -17.88
N GLY B 379 2.88 -17.17 -17.12
CA GLY B 379 2.43 -15.84 -17.43
C GLY B 379 1.05 -15.72 -18.03
N THR B 380 0.53 -16.82 -18.57
CA THR B 380 -0.81 -16.81 -19.16
C THR B 380 -1.47 -18.16 -18.91
N LEU B 381 -2.79 -18.20 -18.97
CA LEU B 381 -3.51 -19.45 -18.78
C LEU B 381 -3.73 -20.07 -20.15
N GLU B 382 -2.72 -20.79 -20.62
CA GLU B 382 -2.74 -21.44 -21.91
C GLU B 382 -2.24 -22.86 -21.78
N ALA B 383 -2.84 -23.77 -22.55
CA ALA B 383 -2.46 -25.16 -22.51
C ALA B 383 -0.96 -25.31 -22.77
N GLY B 384 -0.31 -26.16 -21.99
CA GLY B 384 1.11 -26.39 -22.17
C GLY B 384 2.01 -25.66 -21.18
N LYS B 385 1.51 -24.58 -20.59
CA LYS B 385 2.30 -23.81 -19.64
C LYS B 385 2.13 -24.32 -18.22
N SER B 386 2.99 -23.86 -17.32
CA SER B 386 2.93 -24.25 -15.92
C SER B 386 1.58 -23.83 -15.35
N ALA B 387 1.01 -24.64 -14.48
CA ALA B 387 -0.30 -24.32 -13.90
C ALA B 387 -0.10 -23.40 -12.68
N ASP B 388 0.21 -22.14 -12.95
CA ASP B 388 0.42 -21.16 -11.90
C ASP B 388 -0.66 -20.12 -12.02
N PHE B 389 -1.61 -20.12 -11.09
CA PHE B 389 -2.66 -19.13 -11.17
C PHE B 389 -3.15 -18.66 -9.81
N ALA B 390 -3.87 -17.55 -9.82
CA ALA B 390 -4.39 -16.99 -8.59
C ALA B 390 -5.91 -16.85 -8.70
N ILE B 391 -6.59 -17.32 -7.66
CA ILE B 391 -8.04 -17.24 -7.60
C ILE B 391 -8.33 -16.04 -6.72
N TRP B 392 -9.14 -15.11 -7.24
CA TRP B 392 -9.46 -13.88 -6.53
C TRP B 392 -10.91 -13.77 -6.11
N ASP B 393 -11.13 -13.22 -4.91
CA ASP B 393 -12.47 -13.01 -4.40
C ASP B 393 -12.88 -11.60 -4.83
N ILE B 394 -13.14 -11.44 -6.12
CA ILE B 394 -13.53 -10.15 -6.68
C ILE B 394 -14.65 -10.39 -7.66
N GLU B 395 -15.40 -9.34 -7.99
CA GLU B 395 -16.48 -9.46 -8.94
C GLU B 395 -16.01 -8.98 -10.31
N ARG B 396 -14.97 -8.15 -10.32
CA ARG B 396 -14.44 -7.58 -11.55
C ARG B 396 -12.92 -7.45 -11.48
N PRO B 397 -12.20 -7.86 -12.55
CA PRO B 397 -10.73 -7.75 -12.54
C PRO B 397 -10.22 -6.38 -12.12
N ALA B 398 -10.96 -5.32 -12.49
CA ALA B 398 -10.57 -3.96 -12.14
C ALA B 398 -10.34 -3.75 -10.65
N GLU B 399 -11.03 -4.53 -9.82
CA GLU B 399 -10.88 -4.41 -8.37
C GLU B 399 -9.43 -4.57 -7.91
N LEU B 400 -8.64 -5.36 -8.65
CA LEU B 400 -7.25 -5.60 -8.32
C LEU B 400 -6.36 -4.37 -8.53
N VAL B 401 -6.83 -3.44 -9.37
CA VAL B 401 -6.10 -2.24 -9.67
C VAL B 401 -6.67 -1.04 -8.91
N TYR B 402 -7.98 -1.08 -8.70
CA TYR B 402 -8.72 -0.03 -8.02
C TYR B 402 -8.43 0.15 -6.52
N ARG B 403 -8.39 -0.93 -5.76
CA ARG B 403 -8.16 -0.83 -4.32
C ARG B 403 -6.72 -0.47 -3.94
N ILE B 404 -6.59 0.22 -2.81
CA ILE B 404 -5.29 0.63 -2.31
C ILE B 404 -5.05 -0.04 -0.96
N GLY B 405 -4.11 -0.97 -0.90
CA GLY B 405 -3.81 -1.62 0.36
C GLY B 405 -4.83 -2.64 0.82
N PHE B 406 -5.25 -3.51 -0.09
CA PHE B 406 -6.21 -4.56 0.23
C PHE B 406 -5.75 -5.81 -0.51
N ASN B 407 -6.05 -6.98 0.05
CA ASN B 407 -5.65 -8.22 -0.59
C ASN B 407 -6.85 -9.16 -0.70
N PRO B 408 -7.45 -9.26 -1.90
CA PRO B 408 -8.60 -10.12 -2.14
C PRO B 408 -8.25 -11.52 -2.65
N LEU B 409 -7.02 -11.96 -2.43
CA LEU B 409 -6.63 -13.29 -2.91
C LEU B 409 -7.38 -14.38 -2.17
N HIS B 410 -7.90 -15.34 -2.92
CA HIS B 410 -8.61 -16.47 -2.33
C HIS B 410 -7.70 -17.69 -2.25
N ALA B 411 -6.94 -17.93 -3.31
CA ALA B 411 -6.03 -19.06 -3.32
C ALA B 411 -4.94 -18.90 -4.36
N ARG B 412 -3.78 -19.48 -4.07
CA ARG B 412 -2.65 -19.43 -4.98
C ARG B 412 -2.32 -20.87 -5.37
N ILE B 413 -2.19 -21.10 -6.67
CA ILE B 413 -1.87 -22.43 -7.19
C ILE B 413 -0.53 -22.31 -7.90
N PHE B 414 0.45 -23.08 -7.43
CA PHE B 414 1.77 -23.06 -8.03
C PHE B 414 2.09 -24.45 -8.58
N LYS B 415 2.29 -24.53 -9.89
CA LYS B 415 2.60 -25.81 -10.54
C LYS B 415 1.54 -26.86 -10.23
N GLY B 416 0.27 -26.45 -10.34
CA GLY B 416 -0.84 -27.36 -10.10
C GLY B 416 -1.16 -27.70 -8.65
N GLN B 417 -0.38 -27.15 -7.72
CA GLN B 417 -0.60 -27.42 -6.30
C GLN B 417 -1.07 -26.20 -5.52
N LYS B 418 -2.22 -26.33 -4.87
CA LYS B 418 -2.75 -25.24 -4.06
C LYS B 418 -1.79 -25.09 -2.90
N VAL B 419 -1.16 -23.93 -2.78
CA VAL B 419 -0.18 -23.68 -1.73
C VAL B 419 -0.74 -22.88 -0.55
N SER B 420 -1.51 -21.86 -0.88
CA SER B 420 -2.15 -20.98 0.10
C SER B 420 -2.81 -19.82 -0.63
#